data_9HE2
#
_entry.id   9HE2
#
_cell.length_a   74.632
_cell.length_b   74.632
_cell.length_c   251.059
_cell.angle_alpha   90.000
_cell.angle_beta   90.000
_cell.angle_gamma   120.000
#
_symmetry.space_group_name_H-M   'P 32 2 1'
#
loop_
_entity.id
_entity.type
_entity.pdbx_description
1 polymer 'L-cysteine desulfidase'
2 non-polymer 'IRON/SULFUR CLUSTER'
3 non-polymer 1,2-ETHANEDIOL
4 water water
#
_entity_poly.entity_id   1
_entity_poly.type   'polypeptide(L)'
_entity_poly.pdbx_seq_one_letter_code
;GPMDDYKRILITKILKNEVTEALGCTEVGLIGYAVSLCNISDPFSIEKIELTLNNGSFKNAYAVGVPNTKKYGILPAVVG
GLLGDHKNKLLVFNGIKYSQKLEDFIKERLKIRVINSPLYCGVKIKDNSGNTFESLIKDNHLNVVIPKINNKLISEINGS
EKEEYKNLELLDFLEYIDEIPEEIIQLVEKTIYTNNNLIKGDFLNFGNDCLSNMVNKTTSACNTRMIGENMPAMSVAKSG
NMGIMATLPIIAYDYSNEQNQEKLIKSILLSVLVTIYATYKSSYLSSMCGAVSKGGMGAVIGLCYYKNGKNIKKLDSAAR
TFTANLPGIICDGGKVGCALKLASGCFAAYSSLFVDISYENGIVGKNFKECVENISEISKIMGDLDSDIVKIMSKKEIGS
;
_entity_poly.pdbx_strand_id   A,B
#
# COMPACT_ATOMS: atom_id res chain seq x y z
N MET A 3 -3.90 24.60 -28.05
CA MET A 3 -4.88 25.67 -28.15
C MET A 3 -4.40 26.94 -27.45
N ASP A 4 -4.52 26.97 -26.12
CA ASP A 4 -4.07 28.13 -25.35
C ASP A 4 -2.56 28.25 -25.40
N ASP A 5 -2.08 29.47 -25.18
CA ASP A 5 -0.65 29.75 -25.30
C ASP A 5 0.08 29.61 -23.97
N TYR A 6 -0.46 30.25 -22.93
CA TYR A 6 0.17 30.20 -21.62
C TYR A 6 0.26 28.76 -21.12
N LYS A 7 -0.79 27.97 -21.36
CA LYS A 7 -0.78 26.57 -20.95
C LYS A 7 0.32 25.79 -21.66
N ARG A 8 0.42 25.94 -22.97
CA ARG A 8 1.46 25.22 -23.71
C ARG A 8 2.85 25.59 -23.22
N ILE A 9 3.10 26.89 -23.03
CA ILE A 9 4.44 27.31 -22.64
C ILE A 9 4.77 26.84 -21.21
N LEU A 10 3.80 26.96 -20.29
CA LEU A 10 4.04 26.50 -18.92
C LEU A 10 4.30 25.00 -18.88
N ILE A 11 3.49 24.22 -19.59
CA ILE A 11 3.65 22.78 -19.59
C ILE A 11 4.99 22.40 -20.22
N THR A 12 5.35 23.07 -21.32
CA THR A 12 6.63 22.78 -21.97
C THR A 12 7.80 23.08 -21.04
N LYS A 13 7.77 24.23 -20.37
CA LYS A 13 8.85 24.59 -19.47
C LYS A 13 8.96 23.60 -18.32
N ILE A 14 7.82 23.23 -17.74
CA ILE A 14 7.86 22.30 -16.60
C ILE A 14 8.27 20.91 -17.05
N LEU A 15 7.97 20.53 -18.30
CA LEU A 15 8.45 19.26 -18.82
C LEU A 15 9.96 19.28 -19.01
N LYS A 16 10.48 20.38 -19.57
CA LYS A 16 11.91 20.53 -19.69
C LYS A 16 12.59 20.58 -18.33
N ASN A 17 11.85 20.99 -17.30
CA ASN A 17 12.43 21.09 -15.96
C ASN A 17 12.43 19.74 -15.24
N GLU A 18 11.28 19.09 -15.15
CA GLU A 18 11.14 17.92 -14.30
C GLU A 18 11.79 16.68 -14.90
N VAL A 19 11.84 16.58 -16.22
CA VAL A 19 12.37 15.40 -16.89
C VAL A 19 13.88 15.55 -17.01
N THR A 20 14.62 14.90 -16.13
CA THR A 20 16.07 14.97 -16.09
C THR A 20 16.66 13.55 -16.17
N GLU A 21 17.99 13.48 -16.09
CA GLU A 21 18.71 12.21 -16.08
C GLU A 21 19.48 12.10 -14.78
N ALA A 22 19.13 11.11 -13.96
CA ALA A 22 19.81 10.87 -12.69
C ALA A 22 20.53 9.53 -12.76
N LEU A 23 21.83 9.55 -12.47
CA LEU A 23 22.62 8.31 -12.47
C LEU A 23 22.34 7.58 -11.17
N GLY A 24 21.37 6.67 -11.20
CA GLY A 24 21.07 5.91 -10.01
C GLY A 24 20.54 6.77 -8.88
N CYS A 25 20.57 6.17 -7.69
CA CYS A 25 20.09 6.82 -6.47
C CYS A 25 20.78 8.17 -6.27
N THR A 26 19.96 9.17 -5.93
CA THR A 26 20.43 10.54 -5.76
C THR A 26 21.16 10.76 -4.45
N GLU A 27 20.86 9.95 -3.43
CA GLU A 27 21.40 10.17 -2.09
C GLU A 27 22.87 9.78 -2.00
N VAL A 28 23.22 8.60 -2.54
CA VAL A 28 24.63 8.23 -2.58
C VAL A 28 25.40 9.22 -3.42
N GLY A 29 24.77 9.74 -4.49
CA GLY A 29 25.41 10.78 -5.29
C GLY A 29 25.65 12.04 -4.49
N LEU A 30 24.69 12.43 -3.66
CA LEU A 30 24.87 13.61 -2.82
C LEU A 30 25.99 13.40 -1.80
N ILE A 31 26.02 12.22 -1.19
CA ILE A 31 27.07 11.91 -0.22
C ILE A 31 28.44 11.98 -0.89
N GLY A 32 28.57 11.34 -2.05
CA GLY A 32 29.84 11.39 -2.76
C GLY A 32 30.22 12.79 -3.17
N TYR A 33 29.24 13.60 -3.56
CA TYR A 33 29.54 14.98 -3.91
C TYR A 33 30.04 15.76 -2.70
N ALA A 34 29.41 15.58 -1.55
CA ALA A 34 29.88 16.24 -0.34
C ALA A 34 31.30 15.81 0.03
N VAL A 35 31.56 14.49 -0.08
CA VAL A 35 32.87 13.97 0.27
C VAL A 35 33.93 14.53 -0.68
N SER A 36 33.61 14.63 -1.98
CA SER A 36 34.57 15.20 -2.91
C SER A 36 34.72 16.71 -2.69
N LEU A 37 33.69 17.35 -2.16
CA LEU A 37 33.80 18.75 -1.76
C LEU A 37 34.74 18.93 -0.59
N CYS A 38 34.87 17.91 0.27
CA CYS A 38 35.88 17.99 1.32
C CYS A 38 37.28 18.09 0.75
N ASN A 39 37.49 17.61 -0.48
CA ASN A 39 38.75 17.75 -1.21
C ASN A 39 39.93 17.18 -0.41
N ILE A 40 39.82 15.89 -0.09
CA ILE A 40 40.91 15.21 0.60
C ILE A 40 42.03 14.96 -0.41
N SER A 41 43.21 15.55 -0.15
CA SER A 41 44.32 15.42 -1.09
C SER A 41 44.80 13.98 -1.22
N ASP A 42 45.11 13.35 -0.10
CA ASP A 42 45.49 11.94 -0.09
C ASP A 42 44.38 11.15 0.58
N PRO A 43 43.59 10.36 -0.16
CA PRO A 43 42.49 9.63 0.47
C PRO A 43 42.95 8.65 1.54
N PHE A 44 44.20 8.18 1.45
CA PHE A 44 44.75 7.26 2.43
C PHE A 44 45.34 7.96 3.64
N SER A 45 45.24 9.30 3.71
CA SER A 45 45.74 10.07 4.84
C SER A 45 44.66 10.41 5.85
N ILE A 46 43.45 9.88 5.68
CA ILE A 46 42.34 10.25 6.56
C ILE A 46 42.50 9.56 7.91
N GLU A 47 42.19 10.30 8.96
CA GLU A 47 42.09 9.78 10.32
C GLU A 47 40.62 9.62 10.68
N GLU A 50 32.55 11.19 10.07
CA GLU A 50 32.21 12.60 10.19
C GLU A 50 30.99 12.94 9.35
N LEU A 51 30.31 11.92 8.85
CA LEU A 51 29.11 12.11 8.03
C LEU A 51 27.87 12.20 8.90
N THR A 52 27.04 13.21 8.64
CA THR A 52 25.77 13.40 9.30
C THR A 52 24.67 13.41 8.25
N LEU A 53 23.70 12.51 8.38
CA LEU A 53 22.60 12.40 7.44
C LEU A 53 21.29 12.47 8.21
N ASN A 54 20.23 12.89 7.52
CA ASN A 54 18.92 12.81 8.12
C ASN A 54 18.37 11.39 8.01
N ASN A 55 17.24 11.16 8.68
CA ASN A 55 16.65 9.81 8.73
C ASN A 55 16.33 9.30 7.33
N GLY A 56 15.65 10.12 6.52
CA GLY A 56 15.28 9.68 5.19
C GLY A 56 16.47 9.35 4.33
N SER A 57 17.52 10.18 4.40
CA SER A 57 18.70 9.96 3.59
C SER A 57 19.43 8.68 4.02
N PHE A 58 19.68 8.53 5.32
CA PHE A 58 20.33 7.32 5.81
C PHE A 58 19.52 6.09 5.45
N LYS A 59 18.20 6.19 5.51
CA LYS A 59 17.33 5.08 5.11
C LYS A 59 17.52 4.74 3.64
N ASN A 60 17.45 5.75 2.77
CA ASN A 60 17.51 5.52 1.34
C ASN A 60 18.89 5.05 0.90
N ALA A 61 19.92 5.37 1.66
CA ALA A 61 21.30 5.04 1.29
C ALA A 61 21.86 3.85 2.05
N TYR A 62 21.09 3.22 2.93
CA TYR A 62 21.64 2.13 3.73
C TYR A 62 21.89 0.89 2.88
N ALA A 63 21.01 0.60 1.93
CA ALA A 63 21.08 -0.63 1.17
C ALA A 63 20.83 -0.37 -0.31
N VAL A 64 21.42 0.70 -0.84
CA VAL A 64 21.33 1.03 -2.25
C VAL A 64 22.73 0.95 -2.85
N GLY A 65 22.80 0.49 -4.10
CA GLY A 65 24.07 0.39 -4.78
C GLY A 65 24.59 1.75 -5.22
N VAL A 66 25.90 1.91 -5.13
CA VAL A 66 26.57 3.15 -5.53
C VAL A 66 27.10 2.96 -6.95
N PRO A 67 26.97 3.94 -7.84
CA PRO A 67 27.44 3.75 -9.22
C PRO A 67 28.94 3.49 -9.28
N ASN A 68 29.32 2.59 -10.19
CA ASN A 68 30.71 2.24 -10.47
C ASN A 68 31.44 1.68 -9.24
N THR A 69 30.70 1.17 -8.26
CA THR A 69 31.31 0.49 -7.12
C THR A 69 30.93 -0.97 -7.01
N LYS A 70 29.83 -1.40 -7.63
CA LYS A 70 29.33 -2.77 -7.51
C LYS A 70 29.12 -3.15 -6.04
N LYS A 71 28.88 -2.15 -5.20
CA LYS A 71 28.67 -2.35 -3.77
C LYS A 71 27.45 -1.56 -3.33
N TYR A 72 26.99 -1.86 -2.12
CA TYR A 72 25.83 -1.21 -1.54
C TYR A 72 26.22 -0.54 -0.23
N GLY A 73 25.53 0.56 0.07
CA GLY A 73 25.67 1.22 1.35
C GLY A 73 26.21 2.62 1.20
N ILE A 74 26.50 3.22 2.35
CA ILE A 74 27.01 4.60 2.41
C ILE A 74 28.53 4.64 2.29
N LEU A 75 29.21 3.64 2.87
CA LEU A 75 30.66 3.58 2.74
C LEU A 75 31.13 3.56 1.28
N PRO A 76 30.52 2.80 0.36
CA PRO A 76 30.91 2.95 -1.05
C PRO A 76 30.70 4.35 -1.58
N ALA A 77 29.60 5.00 -1.17
CA ALA A 77 29.37 6.38 -1.63
C ALA A 77 30.45 7.32 -1.12
N VAL A 78 30.87 7.13 0.13
CA VAL A 78 31.91 7.99 0.71
C VAL A 78 33.24 7.74 0.02
N VAL A 79 33.58 6.47 -0.21
CA VAL A 79 34.83 6.16 -0.90
C VAL A 79 34.82 6.72 -2.32
N GLY A 80 33.67 6.64 -3.00
CA GLY A 80 33.57 7.18 -4.34
C GLY A 80 33.66 8.70 -4.37
N GLY A 81 33.10 9.35 -3.35
CA GLY A 81 33.31 10.78 -3.23
C GLY A 81 34.78 11.11 -3.01
N LEU A 82 35.46 10.29 -2.21
CA LEU A 82 36.90 10.47 -2.02
C LEU A 82 37.64 10.34 -3.35
N LEU A 83 37.21 9.39 -4.18
CA LEU A 83 37.82 9.17 -5.48
C LEU A 83 37.17 9.97 -6.60
N GLY A 84 36.35 10.98 -6.27
CA GLY A 84 35.66 11.77 -7.26
C GLY A 84 36.08 13.23 -7.24
N ASP A 85 35.47 13.98 -8.14
CA ASP A 85 35.70 15.41 -8.28
C ASP A 85 34.41 16.18 -8.01
N HIS A 86 34.57 17.37 -7.43
CA HIS A 86 33.41 18.21 -7.15
C HIS A 86 32.75 18.69 -8.43
N LYS A 87 33.54 18.87 -9.50
CA LYS A 87 33.02 19.40 -10.75
C LYS A 87 32.02 18.47 -11.42
N ASN A 88 32.03 17.18 -11.08
CA ASN A 88 31.02 16.27 -11.60
C ASN A 88 29.68 16.40 -10.88
N LYS A 89 29.66 17.10 -9.74
CA LYS A 89 28.43 17.41 -8.99
C LYS A 89 27.71 16.10 -8.67
N LEU A 90 26.42 15.95 -9.00
CA LEU A 90 25.71 14.74 -8.62
C LEU A 90 26.22 13.50 -9.34
N LEU A 91 27.03 13.66 -10.37
CA LEU A 91 27.65 12.54 -11.07
C LEU A 91 29.08 12.33 -10.61
N VAL A 92 29.30 12.45 -9.30
CA VAL A 92 30.64 12.41 -8.72
C VAL A 92 31.33 11.07 -8.93
N PHE A 93 30.57 10.00 -9.18
CA PHE A 93 31.14 8.67 -9.28
C PHE A 93 31.56 8.32 -10.71
N ASN A 94 31.65 9.30 -11.60
CA ASN A 94 31.98 9.05 -12.99
C ASN A 94 33.49 8.97 -13.18
N GLY A 95 33.92 8.00 -13.99
CA GLY A 95 35.32 7.84 -14.32
C GLY A 95 36.21 7.32 -13.21
N ILE A 96 35.64 6.88 -12.10
CA ILE A 96 36.46 6.47 -10.96
C ILE A 96 36.95 5.04 -11.17
N LYS A 97 37.97 4.68 -10.39
CA LYS A 97 38.51 3.32 -10.36
C LYS A 97 38.41 2.85 -8.90
N TYR A 98 37.41 2.00 -8.62
CA TYR A 98 37.16 1.59 -7.24
C TYR A 98 38.32 0.76 -6.71
N SER A 99 38.79 1.13 -5.53
CA SER A 99 39.88 0.43 -4.85
C SER A 99 39.33 -0.19 -3.57
N GLN A 100 39.35 -1.52 -3.50
CA GLN A 100 38.94 -2.20 -2.27
C GLN A 100 39.81 -1.80 -1.08
N LYS A 101 41.07 -1.43 -1.34
CA LYS A 101 41.96 -1.03 -0.25
C LYS A 101 41.45 0.23 0.42
N LEU A 102 41.00 1.21 -0.37
CA LEU A 102 40.46 2.43 0.22
C LEU A 102 39.15 2.17 0.94
N GLU A 103 38.32 1.25 0.44
CA GLU A 103 37.10 0.89 1.16
C GLU A 103 37.42 0.31 2.53
N ASP A 104 38.36 -0.65 2.57
CA ASP A 104 38.77 -1.22 3.84
C ASP A 104 39.43 -0.19 4.76
N PHE A 105 40.09 0.81 4.17
CA PHE A 105 40.71 1.88 4.96
C PHE A 105 39.65 2.75 5.60
N ILE A 106 38.65 3.16 4.83
CA ILE A 106 37.64 4.08 5.33
C ILE A 106 36.66 3.39 6.27
N LYS A 107 36.47 2.06 6.13
CA LYS A 107 35.52 1.37 7.00
C LYS A 107 35.85 1.54 8.47
N GLU A 108 37.14 1.54 8.81
CA GLU A 108 37.55 1.68 10.21
C GLU A 108 37.44 3.10 10.75
N ARG A 109 37.32 4.11 9.87
CA ARG A 109 37.37 5.50 10.28
C ARG A 109 36.09 6.28 10.02
N LEU A 110 35.17 5.74 9.21
CA LEU A 110 33.94 6.45 8.87
C LEU A 110 32.94 6.26 10.00
N LYS A 111 32.75 7.31 10.79
CA LYS A 111 31.78 7.31 11.88
C LYS A 111 30.57 8.11 11.41
N ILE A 112 29.46 7.43 11.18
CA ILE A 112 28.24 8.05 10.66
C ILE A 112 27.22 8.21 11.77
N ARG A 113 26.52 9.35 11.77
CA ARG A 113 25.50 9.62 12.77
C ARG A 113 24.26 10.17 12.07
N VAL A 114 23.10 9.69 12.49
CA VAL A 114 21.82 10.03 11.87
C VAL A 114 21.12 11.07 12.74
N ILE A 115 20.30 11.90 12.08
CA ILE A 115 19.56 12.97 12.74
C ILE A 115 18.13 12.97 12.20
N ASN A 116 17.21 13.55 12.98
CA ASN A 116 15.80 13.66 12.59
C ASN A 116 15.58 15.07 12.08
N SER A 117 15.54 15.22 10.76
CA SER A 117 15.47 16.52 10.12
C SER A 117 15.18 16.37 8.63
N PRO A 118 14.94 17.46 7.91
CA PRO A 118 14.94 17.39 6.43
C PRO A 118 16.31 17.08 5.86
N LEU A 119 16.47 17.25 4.56
CA LEU A 119 17.71 16.93 3.87
C LEU A 119 18.90 17.63 4.54
N TYR A 120 19.88 16.83 4.93
CA TYR A 120 21.07 17.34 5.62
C TYR A 120 22.21 16.40 5.33
N CYS A 121 23.28 16.90 4.72
CA CYS A 121 24.45 16.09 4.39
C CYS A 121 25.68 16.88 4.82
N GLY A 122 26.25 16.53 5.98
CA GLY A 122 27.39 17.24 6.50
C GLY A 122 28.59 16.36 6.80
N VAL A 123 29.73 16.67 6.20
CA VAL A 123 30.94 15.87 6.38
C VAL A 123 31.99 16.66 7.16
N ILE A 125 35.69 15.28 8.10
CA ILE A 125 36.90 14.50 7.86
C ILE A 125 38.14 15.22 8.39
N LYS A 126 39.05 14.44 8.97
CA LYS A 126 40.34 14.92 9.45
C LYS A 126 41.43 14.06 8.81
N ASP A 127 42.61 14.63 8.61
CA ASP A 127 43.71 13.92 7.98
C ASP A 127 44.85 13.70 8.98
N ASN A 128 45.92 13.05 8.50
CA ASN A 128 47.07 12.75 9.36
C ASN A 128 47.75 14.03 9.84
N SER A 129 47.77 15.07 9.01
CA SER A 129 48.43 16.32 9.40
C SER A 129 47.72 16.95 10.58
N GLY A 130 46.39 16.91 10.61
CA GLY A 130 45.63 17.49 11.69
C GLY A 130 44.57 18.44 11.18
N ASN A 131 44.70 18.82 9.91
CA ASN A 131 43.73 19.71 9.29
C ASN A 131 42.37 19.04 9.23
N THR A 132 41.32 19.86 9.38
CA THR A 132 39.95 19.38 9.32
C THR A 132 39.22 20.08 8.19
N PHE A 133 38.47 19.31 7.41
CA PHE A 133 37.72 19.83 6.28
C PHE A 133 36.26 19.44 6.42
N GLU A 134 35.39 20.44 6.53
CA GLU A 134 33.96 20.22 6.70
C GLU A 134 33.22 20.81 5.50
N SER A 135 32.09 20.17 5.17
CA SER A 135 31.23 20.62 4.09
C SER A 135 29.79 20.29 4.45
N LEU A 136 28.84 21.04 3.88
CA LEU A 136 27.44 20.85 4.22
C LEU A 136 26.56 21.15 3.02
N ILE A 137 25.53 20.32 2.85
CA ILE A 137 24.48 20.49 1.85
C ILE A 137 23.14 20.37 2.57
N LYS A 138 22.33 21.42 2.47
CA LYS A 138 21.15 21.58 3.31
C LYS A 138 19.94 21.89 2.44
N ASP A 139 18.76 21.61 3.01
CA ASP A 139 17.45 21.99 2.46
C ASP A 139 16.98 20.95 1.45
N ASN A 140 15.71 21.03 1.05
CA ASN A 140 15.18 20.06 0.09
C ASN A 140 15.82 20.25 -1.27
N HIS A 141 15.90 21.49 -1.74
CA HIS A 141 16.65 21.75 -2.96
C HIS A 141 18.13 21.62 -2.64
N LEU A 142 18.87 20.92 -3.49
CA LEU A 142 20.24 20.55 -3.15
C LEU A 142 21.15 21.77 -3.18
N ASN A 143 21.23 22.45 -2.05
CA ASN A 143 21.87 23.75 -1.90
C ASN A 143 23.10 23.57 -1.01
N VAL A 144 24.29 23.82 -1.57
CA VAL A 144 25.52 23.67 -0.81
C VAL A 144 25.75 24.92 0.02
N VAL A 145 26.04 24.73 1.30
CA VAL A 145 26.14 25.82 2.25
C VAL A 145 27.58 26.15 2.65
N ILE A 146 28.45 25.15 2.74
CA ILE A 146 29.82 25.37 3.23
C ILE A 146 30.83 25.39 2.08
N PRO A 147 30.77 24.46 1.12
CA PRO A 147 31.66 24.61 -0.05
C PRO A 147 31.29 25.80 -0.93
N LYS A 148 30.09 26.34 -0.76
CA LYS A 148 29.47 27.35 -1.63
C LYS A 148 29.93 27.20 -3.08
N ILE A 149 29.49 26.12 -3.71
CA ILE A 149 29.69 25.88 -5.14
C ILE A 149 28.33 26.03 -5.81
N ASN A 150 28.07 27.20 -6.37
CA ASN A 150 26.75 27.48 -6.92
C ASN A 150 26.47 26.56 -8.11
N ASN A 151 25.23 26.09 -8.19
CA ASN A 151 24.79 25.23 -9.28
C ASN A 151 23.29 25.36 -9.52
N SER A 155 17.90 21.25 -9.28
CA SER A 155 16.98 22.03 -10.10
C SER A 155 15.91 22.72 -9.25
N GLU A 156 15.56 23.95 -9.64
CA GLU A 156 14.55 24.74 -8.93
C GLU A 156 13.56 25.32 -9.93
N ILE A 157 12.41 25.75 -9.41
CA ILE A 157 11.40 26.47 -10.17
C ILE A 157 10.56 27.26 -9.20
N ASN A 158 10.35 28.54 -9.48
CA ASN A 158 9.66 29.42 -8.53
C ASN A 158 8.24 28.92 -8.27
N GLY A 159 7.69 29.35 -7.12
CA GLY A 159 6.41 28.83 -6.67
C GLY A 159 5.24 29.20 -7.54
N SER A 160 5.30 30.35 -8.21
CA SER A 160 4.18 30.80 -9.02
C SER A 160 3.91 29.85 -10.18
N GLU A 161 4.98 29.38 -10.84
CA GLU A 161 4.80 28.46 -11.96
C GLU A 161 4.28 27.10 -11.48
N LYS A 162 4.79 26.62 -10.35
CA LYS A 162 4.27 25.39 -9.77
C LYS A 162 2.79 25.53 -9.46
N GLU A 163 2.39 26.67 -8.89
CA GLU A 163 0.99 26.91 -8.56
C GLU A 163 0.13 26.95 -9.81
N GLU A 164 0.63 27.60 -10.87
CA GLU A 164 -0.12 27.63 -12.12
C GLU A 164 -0.27 26.25 -12.73
N TYR A 165 0.75 25.39 -12.57
CA TYR A 165 0.61 24.03 -13.05
C TYR A 165 -0.37 23.23 -12.21
N LYS A 166 -0.43 23.50 -10.91
CA LYS A 166 -1.41 22.83 -10.06
C LYS A 166 -2.83 23.22 -10.42
N ASN A 167 -3.02 24.38 -11.05
CA ASN A 167 -4.34 24.83 -11.45
C ASN A 167 -4.77 24.26 -12.80
N LEU A 168 -3.98 23.37 -13.38
CA LEU A 168 -4.37 22.73 -14.63
C LEU A 168 -5.34 21.59 -14.36
N GLU A 169 -6.00 21.13 -15.41
CA GLU A 169 -6.94 20.02 -15.34
C GLU A 169 -6.49 18.89 -16.26
N LEU A 170 -7.12 17.73 -16.08
CA LEU A 170 -6.82 16.58 -16.93
C LEU A 170 -7.14 16.87 -18.39
N LEU A 171 -8.15 17.71 -18.64
CA LEU A 171 -8.47 18.10 -20.00
C LEU A 171 -7.33 18.90 -20.62
N ASP A 172 -6.66 19.74 -19.82
CA ASP A 172 -5.50 20.48 -20.33
C ASP A 172 -4.39 19.52 -20.74
N PHE A 173 -4.15 18.48 -19.94
CA PHE A 173 -3.14 17.49 -20.30
C PHE A 173 -3.55 16.71 -21.54
N LEU A 174 -4.85 16.43 -21.70
CA LEU A 174 -5.31 15.75 -22.91
C LEU A 174 -5.13 16.62 -24.14
N GLU A 175 -5.32 17.94 -24.00
CA GLU A 175 -5.15 18.84 -25.13
C GLU A 175 -3.67 19.09 -25.44
N TYR A 176 -2.80 19.01 -24.44
CA TYR A 176 -1.38 19.28 -24.68
C TYR A 176 -0.74 18.16 -25.49
N ILE A 177 -1.13 16.91 -25.22
CA ILE A 177 -0.55 15.77 -25.93
C ILE A 177 -1.08 15.63 -27.35
N ASP A 178 -1.94 16.55 -27.78
CA ASP A 178 -2.38 16.63 -29.16
C ASP A 178 -1.63 17.71 -29.95
N GLU A 179 -1.08 18.70 -29.27
CA GLU A 179 -0.24 19.72 -29.87
C GLU A 179 1.13 19.69 -29.17
N ILE A 180 1.89 18.64 -29.45
CA ILE A 180 3.19 18.44 -28.80
C ILE A 180 4.27 19.15 -29.62
N PRO A 181 5.12 19.95 -28.97
CA PRO A 181 6.28 20.51 -29.67
C PRO A 181 7.28 19.41 -30.04
N GLU A 182 8.13 19.73 -31.01
CA GLU A 182 9.13 18.76 -31.45
C GLU A 182 10.14 18.48 -30.34
N GLU A 183 10.53 19.51 -29.58
CA GLU A 183 11.45 19.30 -28.47
C GLU A 183 10.85 18.36 -27.43
N ILE A 184 9.55 18.46 -27.18
CA ILE A 184 8.92 17.58 -26.20
C ILE A 184 8.76 16.18 -26.74
N ILE A 185 8.51 16.03 -28.04
CA ILE A 185 8.47 14.70 -28.65
C ILE A 185 9.82 14.02 -28.51
N GLN A 186 10.90 14.75 -28.84
CA GLN A 186 12.24 14.19 -28.66
C GLN A 186 12.55 13.93 -27.21
N LEU A 187 12.06 14.77 -26.30
CA LEU A 187 12.27 14.53 -24.87
C LEU A 187 11.58 13.24 -24.45
N VAL A 188 10.37 12.98 -24.94
CA VAL A 188 9.67 11.73 -24.61
C VAL A 188 10.43 10.55 -25.19
N GLU A 189 10.93 10.69 -26.42
CA GLU A 189 11.68 9.60 -27.02
C GLU A 189 12.97 9.32 -26.26
N LYS A 190 13.67 10.37 -25.83
CA LYS A 190 14.88 10.21 -25.03
C LYS A 190 14.58 9.62 -23.66
N THR A 191 13.43 9.97 -23.08
CA THR A 191 13.00 9.38 -21.81
C THR A 191 12.79 7.88 -21.97
N ILE A 192 12.02 7.50 -22.99
CA ILE A 192 11.77 6.08 -23.27
C ILE A 192 13.10 5.36 -23.51
N TYR A 193 14.02 6.01 -24.22
CA TYR A 193 15.34 5.45 -24.48
C TYR A 193 16.09 5.17 -23.18
N THR A 194 16.22 6.20 -22.34
CA THR A 194 16.99 6.05 -21.09
C THR A 194 16.36 5.02 -20.17
N ASN A 195 15.04 5.01 -20.06
CA ASN A 195 14.39 4.09 -19.12
C ASN A 195 14.29 2.67 -19.67
N ASN A 196 14.18 2.51 -20.99
CA ASN A 196 14.16 1.19 -21.60
C ASN A 196 15.55 0.55 -21.56
N ASN A 197 16.60 1.36 -21.63
CA ASN A 197 17.95 0.82 -21.52
C ASN A 197 18.20 0.21 -20.15
N LEU A 198 17.40 0.58 -19.14
CA LEU A 198 17.55 0.01 -17.81
C LEU A 198 17.09 -1.44 -17.71
N ILE A 199 16.37 -1.95 -18.69
CA ILE A 199 15.90 -3.34 -18.67
C ILE A 199 17.08 -4.24 -19.02
N LYS A 200 17.50 -5.07 -18.06
CA LYS A 200 18.61 -6.01 -18.26
C LYS A 200 18.20 -7.37 -17.70
N GLY A 201 17.78 -8.28 -18.57
CA GLY A 201 17.45 -9.64 -18.15
C GLY A 201 16.04 -9.78 -17.59
N ASP A 202 15.86 -10.86 -16.83
CA ASP A 202 14.58 -11.17 -16.19
C ASP A 202 14.74 -11.02 -14.68
N PHE A 203 13.79 -10.33 -14.06
CA PHE A 203 13.72 -10.22 -12.61
C PHE A 203 12.46 -10.80 -12.00
N LEU A 204 11.32 -10.67 -12.68
CA LEU A 204 10.07 -11.18 -12.18
C LEU A 204 9.14 -11.47 -13.36
N ASN A 205 9.57 -12.42 -14.19
CA ASN A 205 8.83 -12.83 -15.38
C ASN A 205 8.17 -14.16 -15.05
N PHE A 206 6.86 -14.13 -14.84
CA PHE A 206 6.09 -15.31 -14.45
C PHE A 206 4.99 -15.64 -15.46
N GLY A 207 5.21 -15.34 -16.72
CA GLY A 207 4.24 -15.66 -17.75
C GLY A 207 4.55 -14.94 -19.04
N ASN A 208 3.65 -15.14 -20.00
CA ASN A 208 3.76 -14.48 -21.29
C ASN A 208 2.57 -13.56 -21.57
N ASP A 209 1.79 -13.23 -20.55
CA ASP A 209 0.68 -12.31 -20.72
C ASP A 209 1.17 -10.88 -20.56
N CYS A 210 0.25 -9.92 -20.70
CA CYS A 210 0.63 -8.51 -20.72
C CYS A 210 1.20 -8.09 -19.38
N LEU A 211 0.46 -8.34 -18.30
CA LEU A 211 0.91 -7.92 -16.97
C LEU A 211 2.19 -8.65 -16.56
N SER A 212 2.39 -9.87 -17.03
CA SER A 212 3.65 -10.57 -16.76
C SER A 212 4.83 -9.79 -17.32
N ASN A 213 4.76 -9.39 -18.59
CA ASN A 213 5.82 -8.59 -19.18
C ASN A 213 5.97 -7.24 -18.48
N MET A 214 4.84 -6.62 -18.12
CA MET A 214 4.89 -5.34 -17.43
C MET A 214 5.68 -5.45 -16.13
N VAL A 215 5.29 -6.39 -15.26
CA VAL A 215 5.98 -6.60 -13.99
C VAL A 215 7.44 -6.96 -14.24
N ASN A 216 7.70 -7.86 -15.19
CA ASN A 216 9.07 -8.28 -15.47
C ASN A 216 9.95 -7.08 -15.83
N LYS A 217 9.54 -6.31 -16.84
CA LYS A 217 10.37 -5.20 -17.31
C LYS A 217 10.53 -4.13 -16.24
N THR A 218 9.45 -3.78 -15.55
CA THR A 218 9.56 -2.73 -14.54
C THR A 218 10.48 -3.15 -13.40
N THR A 219 10.29 -4.36 -12.87
CA THR A 219 11.16 -4.83 -11.79
C THR A 219 12.60 -4.98 -12.25
N SER A 220 12.80 -5.39 -13.51
CA SER A 220 14.17 -5.53 -14.01
C SER A 220 14.86 -4.17 -14.07
N ALA A 221 14.18 -3.17 -14.60
CA ALA A 221 14.79 -1.84 -14.69
C ALA A 221 15.03 -1.24 -13.31
N CYS A 222 14.08 -1.44 -12.39
CA CYS A 222 14.27 -0.93 -11.04
C CYS A 222 15.45 -1.62 -10.37
N ASN A 223 15.55 -2.95 -10.52
CA ASN A 223 16.69 -3.69 -9.96
C ASN A 223 18.00 -3.22 -10.56
N THR A 224 18.00 -2.92 -11.86
CA THR A 224 19.20 -2.39 -12.50
C THR A 224 19.60 -1.05 -11.88
N ARG A 225 18.61 -0.19 -11.65
CA ARG A 225 18.92 1.09 -11.00
C ARG A 225 19.37 0.88 -9.56
N MET A 226 18.93 -0.20 -8.92
CA MET A 226 19.24 -0.39 -7.50
C MET A 226 20.62 -0.98 -7.29
N ILE A 227 21.04 -1.93 -8.14
CA ILE A 227 22.27 -2.69 -7.88
C ILE A 227 23.53 -1.89 -8.15
N GLY A 228 23.40 -0.62 -8.55
CA GLY A 228 24.57 0.23 -8.72
C GLY A 228 25.17 0.22 -10.10
N GLU A 229 24.38 -0.08 -11.13
CA GLU A 229 24.86 -0.03 -12.50
C GLU A 229 25.14 1.42 -12.93
N ASN A 230 26.11 1.56 -13.83
CA ASN A 230 26.48 2.86 -14.38
C ASN A 230 25.63 3.20 -15.61
N MET A 231 24.32 3.21 -15.40
CA MET A 231 23.38 3.58 -16.45
C MET A 231 22.39 4.60 -15.88
N PRO A 232 22.25 5.75 -16.52
CA PRO A 232 21.34 6.78 -16.01
C PRO A 232 19.88 6.36 -16.18
N ALA A 233 19.02 7.00 -15.41
CA ALA A 233 17.58 6.81 -15.50
C ALA A 233 16.93 8.16 -15.74
N MET A 234 16.00 8.22 -16.68
CA MET A 234 15.26 9.46 -16.92
C MET A 234 14.25 9.62 -15.79
N SER A 235 14.55 10.53 -14.87
CA SER A 235 13.76 10.73 -13.66
C SER A 235 12.89 11.96 -13.79
N VAL A 236 11.74 11.91 -13.13
CA VAL A 236 10.87 13.06 -12.92
C VAL A 236 10.95 13.44 -11.46
N ALA A 237 11.27 14.71 -11.19
CA ALA A 237 11.44 15.22 -9.83
C ALA A 237 12.56 14.48 -9.08
N LYS A 238 13.63 14.15 -9.79
CA LYS A 238 14.85 13.56 -9.24
C LYS A 238 14.59 12.24 -8.51
N SER A 239 13.48 11.58 -8.79
CA SER A 239 13.17 10.26 -8.24
C SER A 239 13.13 9.30 -9.41
N GLY A 240 14.25 8.57 -9.61
CA GLY A 240 14.36 7.70 -10.77
C GLY A 240 13.32 6.59 -10.77
N ASN A 241 13.10 5.97 -9.61
CA ASN A 241 12.13 4.89 -9.54
C ASN A 241 10.73 5.38 -9.87
N MET A 242 10.41 6.63 -9.54
CA MET A 242 9.14 7.21 -9.95
C MET A 242 9.03 7.25 -11.47
N GLY A 243 10.10 7.68 -12.14
CA GLY A 243 10.09 7.71 -13.60
C GLY A 243 9.94 6.33 -14.21
N ILE A 244 10.64 5.35 -13.63
CA ILE A 244 10.49 3.96 -14.09
C ILE A 244 9.04 3.51 -13.94
N MET A 245 8.46 3.73 -12.75
CA MET A 245 7.08 3.35 -12.48
C MET A 245 6.11 4.02 -13.44
N ALA A 246 6.42 5.25 -13.86
CA ALA A 246 5.52 5.97 -14.73
C ALA A 246 5.66 5.51 -16.18
N THR A 247 6.87 5.19 -16.62
CA THR A 247 7.07 4.89 -18.02
C THR A 247 6.94 3.40 -18.36
N LEU A 248 7.66 2.54 -17.64
CA LEU A 248 7.82 1.16 -18.11
C LEU A 248 6.52 0.36 -18.21
N PRO A 249 5.58 0.44 -17.27
CA PRO A 249 4.30 -0.28 -17.47
C PRO A 249 3.63 0.06 -18.80
N ILE A 250 3.66 1.33 -19.19
CA ILE A 250 3.06 1.73 -20.46
C ILE A 250 3.85 1.15 -21.63
N ILE A 251 5.18 1.18 -21.53
CA ILE A 251 6.01 0.62 -22.60
C ILE A 251 5.69 -0.85 -22.81
N ALA A 252 5.55 -1.61 -21.73
CA ALA A 252 5.32 -3.05 -21.85
C ALA A 252 3.89 -3.35 -22.28
N TYR A 253 2.92 -2.52 -21.87
CA TYR A 253 1.57 -2.68 -22.38
C TYR A 253 1.53 -2.44 -23.88
N ASP A 254 2.24 -1.41 -24.36
CA ASP A 254 2.30 -1.15 -25.79
C ASP A 254 3.02 -2.28 -26.53
N TYR A 255 4.03 -2.89 -25.90
CA TYR A 255 4.74 -3.98 -26.54
C TYR A 255 3.84 -5.18 -26.74
N SER A 256 2.88 -5.40 -25.84
CA SER A 256 2.01 -6.57 -25.89
C SER A 256 0.69 -6.27 -26.58
N ASN A 257 0.61 -5.15 -27.29
CA ASN A 257 -0.64 -4.76 -27.95
C ASN A 257 -0.40 -4.30 -29.37
N GLU A 258 -0.40 -2.98 -29.60
CA GLU A 258 -0.42 -2.46 -30.96
C GLU A 258 0.96 -2.17 -31.51
N GLN A 259 1.99 -2.05 -30.66
CA GLN A 259 3.32 -1.67 -31.10
C GLN A 259 3.27 -0.35 -31.88
N ASN A 260 2.71 0.66 -31.22
CA ASN A 260 2.49 1.97 -31.82
C ASN A 260 3.49 2.97 -31.26
N GLN A 261 4.10 3.76 -32.14
CA GLN A 261 5.11 4.73 -31.71
C GLN A 261 4.46 5.98 -31.13
N GLU A 262 3.68 6.70 -31.94
CA GLU A 262 3.08 7.95 -31.47
C GLU A 262 2.08 7.73 -30.34
N LYS A 263 1.36 6.61 -30.37
CA LYS A 263 0.41 6.33 -29.31
C LYS A 263 1.11 6.15 -27.97
N LEU A 264 2.21 5.38 -27.96
CA LEU A 264 2.99 5.20 -26.75
C LEU A 264 3.63 6.51 -26.30
N ILE A 265 4.12 7.31 -27.26
CA ILE A 265 4.71 8.60 -26.91
C ILE A 265 3.68 9.49 -26.20
N LYS A 266 2.49 9.60 -26.77
CA LYS A 266 1.45 10.43 -26.16
C LYS A 266 1.01 9.87 -24.81
N SER A 267 0.90 8.55 -24.70
CA SER A 267 0.47 7.96 -23.43
C SER A 267 1.50 8.22 -22.34
N ILE A 268 2.79 8.08 -22.67
CA ILE A 268 3.83 8.35 -21.69
C ILE A 268 3.90 9.84 -21.37
N LEU A 269 3.62 10.71 -22.35
CA LEU A 269 3.60 12.14 -22.08
C LEU A 269 2.48 12.49 -21.10
N LEU A 270 1.29 11.94 -21.30
CA LEU A 270 0.20 12.16 -20.36
C LEU A 270 0.53 11.59 -18.99
N SER A 271 1.19 10.43 -18.97
CA SER A 271 1.64 9.85 -17.70
C SER A 271 2.57 10.79 -16.97
N VAL A 272 3.53 11.39 -17.68
CA VAL A 272 4.47 12.31 -17.06
C VAL A 272 3.77 13.57 -16.59
N LEU A 273 2.81 14.05 -17.36
CA LEU A 273 2.03 15.21 -16.94
C LEU A 273 1.31 14.92 -15.63
N VAL A 274 0.67 13.75 -15.55
CA VAL A 274 -0.04 13.36 -14.34
C VAL A 274 0.93 13.18 -13.18
N THR A 275 2.11 12.62 -13.45
CA THR A 275 3.10 12.41 -12.40
C THR A 275 3.60 13.76 -11.85
N ILE A 276 3.90 14.69 -12.75
CA ILE A 276 4.35 16.01 -12.32
C ILE A 276 3.24 16.71 -11.53
N TYR A 277 1.99 16.56 -11.97
CA TYR A 277 0.88 17.17 -11.25
C TYR A 277 0.75 16.59 -9.85
N ALA A 278 0.80 15.26 -9.73
CA ALA A 278 0.67 14.61 -8.43
C ALA A 278 1.81 15.00 -7.50
N THR A 279 3.04 15.08 -8.04
CA THR A 279 4.17 15.49 -7.21
C THR A 279 4.00 16.93 -6.75
N TYR A 280 3.47 17.80 -7.61
CA TYR A 280 3.21 19.17 -7.20
C TYR A 280 2.14 19.21 -6.11
N LYS A 281 1.14 18.33 -6.21
CA LYS A 281 0.07 18.33 -5.21
C LYS A 281 0.56 17.79 -3.88
N SER A 282 1.39 16.74 -3.90
CA SER A 282 1.99 16.19 -2.68
C SER A 282 3.20 17.05 -2.30
N SER A 283 2.90 18.28 -1.89
CA SER A 283 3.95 19.27 -1.63
C SER A 283 4.77 18.92 -0.39
N TYR A 284 4.18 18.18 0.56
CA TYR A 284 4.88 17.86 1.79
C TYR A 284 5.71 16.59 1.62
N LEU A 285 6.83 16.54 2.35
CA LEU A 285 7.61 15.32 2.42
C LEU A 285 6.79 14.24 3.12
N SER A 286 7.09 12.99 2.83
CA SER A 286 6.30 11.91 3.42
C SER A 286 7.13 10.65 3.47
N SER A 287 6.89 9.86 4.51
CA SER A 287 7.43 8.51 4.57
C SER A 287 6.57 7.50 3.81
N MET A 288 5.37 7.89 3.39
CA MET A 288 4.63 7.06 2.45
C MET A 288 5.35 7.05 1.11
N CYS A 289 5.34 5.90 0.44
CA CYS A 289 6.07 5.76 -0.81
C CYS A 289 5.43 6.65 -1.87
N GLY A 290 6.01 7.84 -2.07
CA GLY A 290 5.51 8.76 -3.06
C GLY A 290 5.81 8.31 -4.47
N ALA A 291 6.95 7.65 -4.68
CA ALA A 291 7.30 7.16 -6.00
C ALA A 291 6.23 6.23 -6.54
N VAL A 292 5.90 5.17 -5.79
CA VAL A 292 4.89 4.22 -6.24
C VAL A 292 3.58 4.95 -6.53
N SER A 293 3.08 5.72 -5.56
CA SER A 293 1.78 6.36 -5.71
C SER A 293 1.73 7.27 -6.94
N LYS A 294 2.66 8.21 -7.03
CA LYS A 294 2.60 9.21 -8.10
C LYS A 294 2.90 8.59 -9.46
N GLY A 295 3.99 7.82 -9.56
CA GLY A 295 4.30 7.16 -10.81
C GLY A 295 3.23 6.20 -11.27
N GLY A 296 2.53 5.55 -10.32
CA GLY A 296 1.47 4.65 -10.70
C GLY A 296 0.22 5.37 -11.12
N MET A 297 -0.08 6.52 -10.51
CA MET A 297 -1.18 7.34 -11.00
C MET A 297 -0.91 7.83 -12.42
N GLY A 298 0.31 8.33 -12.66
CA GLY A 298 0.69 8.69 -14.02
C GLY A 298 0.56 7.53 -14.98
N ALA A 299 1.08 6.37 -14.58
CA ALA A 299 1.09 5.20 -15.46
C ALA A 299 -0.32 4.71 -15.73
N VAL A 300 -1.21 4.76 -14.74
CA VAL A 300 -2.56 4.27 -14.96
C VAL A 300 -3.35 5.26 -15.81
N ILE A 301 -3.10 6.56 -15.67
CA ILE A 301 -3.74 7.51 -16.58
C ILE A 301 -3.25 7.30 -18.00
N GLY A 302 -1.94 7.05 -18.17
CA GLY A 302 -1.43 6.79 -19.51
C GLY A 302 -1.98 5.51 -20.11
N LEU A 303 -2.10 4.45 -19.29
CA LEU A 303 -2.65 3.19 -19.78
C LEU A 303 -4.12 3.31 -20.13
N CYS A 304 -4.89 4.05 -19.33
CA CYS A 304 -6.29 4.27 -19.66
C CYS A 304 -6.42 5.12 -20.92
N TYR A 305 -5.51 6.08 -21.12
CA TYR A 305 -5.53 6.87 -22.35
C TYR A 305 -5.16 6.02 -23.56
N TYR A 306 -4.29 5.03 -23.37
CA TYR A 306 -3.93 4.13 -24.46
C TYR A 306 -5.07 3.17 -24.77
N LYS A 307 -5.83 2.76 -23.75
CA LYS A 307 -6.88 1.78 -23.94
C LYS A 307 -8.16 2.41 -24.47
N ASN A 308 -8.60 3.52 -23.86
CA ASN A 308 -9.90 4.12 -24.17
C ASN A 308 -9.80 5.49 -24.83
N GLY A 309 -8.60 6.01 -25.05
CA GLY A 309 -8.48 7.27 -25.76
C GLY A 309 -8.81 8.45 -24.85
N LYS A 310 -9.36 9.50 -25.47
CA LYS A 310 -9.74 10.71 -24.73
C LYS A 310 -11.14 10.51 -24.13
N ASN A 311 -11.18 9.69 -23.09
CA ASN A 311 -12.42 9.37 -22.38
C ASN A 311 -12.27 9.78 -20.94
N ILE A 312 -13.06 10.80 -20.54
CA ILE A 312 -12.93 11.34 -19.19
C ILE A 312 -13.48 10.37 -18.15
N LYS A 313 -14.60 9.73 -18.43
CA LYS A 313 -15.19 8.83 -17.44
C LYS A 313 -14.30 7.61 -17.22
N LYS A 314 -13.67 7.10 -18.27
CA LYS A 314 -12.75 5.98 -18.11
C LYS A 314 -11.57 6.36 -17.23
N LEU A 315 -11.00 7.55 -17.45
CA LEU A 315 -9.88 8.00 -16.63
C LEU A 315 -10.30 8.22 -15.19
N ASP A 316 -11.48 8.78 -14.96
CA ASP A 316 -12.00 8.92 -13.60
C ASP A 316 -12.15 7.56 -12.92
N SER A 317 -12.69 6.58 -13.64
CA SER A 317 -12.85 5.24 -13.06
C SER A 317 -11.50 4.62 -12.75
N ALA A 318 -10.53 4.79 -13.65
CA ALA A 318 -9.20 4.26 -13.40
C ALA A 318 -8.57 4.89 -12.16
N ALA A 319 -8.68 6.21 -12.03
CA ALA A 319 -8.14 6.88 -10.85
C ALA A 319 -8.84 6.42 -9.59
N ARG A 320 -10.15 6.21 -9.66
CA ARG A 320 -10.90 5.76 -8.48
C ARG A 320 -10.46 4.35 -8.06
N THR A 321 -10.37 3.44 -9.03
CA THR A 321 -9.95 2.08 -8.71
C THR A 321 -8.51 2.06 -8.20
N PHE A 322 -7.64 2.93 -8.73
CA PHE A 322 -6.28 3.01 -8.22
C PHE A 322 -6.27 3.53 -6.78
N THR A 323 -7.08 4.56 -6.49
CA THR A 323 -7.13 5.11 -5.14
C THR A 323 -7.63 4.07 -4.16
N ALA A 324 -8.60 3.25 -4.58
CA ALA A 324 -9.10 2.19 -3.72
C ALA A 324 -8.12 1.02 -3.62
N ASN A 325 -7.24 0.84 -4.60
CA ASN A 325 -6.48 -0.40 -4.71
C ASN A 325 -5.28 -0.40 -3.76
N LEU A 326 -4.30 0.45 -4.03
CA LEU A 326 -3.03 0.45 -3.31
C LEU A 326 -2.70 1.82 -2.71
N PRO A 327 -3.55 2.33 -1.82
CA PRO A 327 -3.21 3.61 -1.19
C PRO A 327 -2.44 3.37 0.10
N GLY A 328 -1.44 4.21 0.34
CA GLY A 328 -0.69 4.09 1.57
C GLY A 328 0.27 2.92 1.48
N ILE A 329 1.57 3.20 1.59
CA ILE A 329 2.58 2.15 1.57
C ILE A 329 3.87 2.78 2.09
N ILE A 330 4.69 1.96 2.74
CA ILE A 330 5.88 2.47 3.39
C ILE A 330 6.97 2.71 2.34
N CYS A 331 7.73 3.78 2.54
CA CYS A 331 8.95 4.05 1.78
C CYS A 331 10.13 3.68 2.68
N ASP A 332 10.45 2.39 2.71
CA ASP A 332 11.47 1.86 3.61
C ASP A 332 12.88 1.93 3.02
N GLY A 333 13.14 2.86 2.10
CA GLY A 333 14.48 3.06 1.61
C GLY A 333 14.78 2.37 0.30
N GLY A 334 15.60 3.01 -0.53
CA GLY A 334 16.03 2.43 -1.78
C GLY A 334 16.67 1.07 -1.61
N LYS A 335 16.06 0.05 -2.19
CA LYS A 335 16.48 -1.33 -1.98
C LYS A 335 16.13 -2.15 -3.21
N VAL A 336 16.70 -3.36 -3.28
CA VAL A 336 16.32 -4.30 -4.32
C VAL A 336 14.84 -4.64 -4.20
N GLY A 337 14.33 -4.69 -2.98
CA GLY A 337 12.91 -4.98 -2.77
C GLY A 337 11.97 -3.88 -3.25
N CYS A 338 12.49 -2.65 -3.41
CA CYS A 338 11.66 -1.58 -3.96
C CYS A 338 11.05 -1.97 -5.30
N ALA A 339 11.81 -2.67 -6.14
CA ALA A 339 11.28 -3.17 -7.40
C ALA A 339 9.97 -3.92 -7.17
N LEU A 340 9.95 -4.80 -6.17
CA LEU A 340 8.74 -5.54 -5.85
C LEU A 340 7.56 -4.60 -5.65
N LYS A 341 7.77 -3.54 -4.87
CA LYS A 341 6.71 -2.57 -4.65
C LYS A 341 6.21 -2.01 -5.98
N LEU A 342 7.13 -1.61 -6.85
CA LEU A 342 6.74 -1.14 -8.17
C LEU A 342 5.94 -2.20 -8.92
N ALA A 343 6.32 -3.46 -8.75
CA ALA A 343 5.55 -4.56 -9.34
C ALA A 343 4.10 -4.50 -8.90
N SER A 344 3.88 -4.36 -7.58
CA SER A 344 2.53 -4.18 -7.07
C SER A 344 1.84 -3.02 -7.77
N GLY A 345 2.57 -1.92 -7.97
CA GLY A 345 2.03 -0.79 -8.71
C GLY A 345 1.48 -1.19 -10.06
N CYS A 346 2.26 -1.98 -10.82
CA CYS A 346 1.78 -2.50 -12.10
C CYS A 346 0.41 -3.14 -11.94
N PHE A 347 0.28 -4.04 -10.96
CA PHE A 347 -1.01 -4.66 -10.67
C PHE A 347 -2.07 -3.59 -10.48
N ALA A 348 -1.80 -2.63 -9.57
CA ALA A 348 -2.77 -1.57 -9.28
C ALA A 348 -3.18 -0.83 -10.54
N ALA A 349 -2.29 -0.72 -11.53
CA ALA A 349 -2.68 -0.07 -12.77
C ALA A 349 -3.57 -0.99 -13.60
N TYR A 350 -3.13 -2.23 -13.82
CA TYR A 350 -3.86 -3.12 -14.71
C TYR A 350 -5.25 -3.42 -14.16
N SER A 351 -5.32 -3.69 -12.86
CA SER A 351 -6.62 -3.92 -12.21
C SER A 351 -7.55 -2.72 -12.38
N SER A 352 -6.98 -1.52 -12.50
CA SER A 352 -7.82 -0.34 -12.62
C SER A 352 -8.38 -0.16 -14.02
N LEU A 353 -7.89 -0.91 -15.00
CA LEU A 353 -8.40 -0.82 -16.37
C LEU A 353 -9.60 -1.71 -16.60
N PHE A 354 -10.00 -2.52 -15.61
CA PHE A 354 -11.13 -3.43 -15.76
C PHE A 354 -12.11 -3.38 -14.58
N VAL A 355 -11.97 -2.41 -13.68
CA VAL A 355 -12.81 -2.36 -12.48
C VAL A 355 -13.36 -0.95 -12.29
N ASP A 356 -14.62 -0.86 -11.90
CA ASP A 356 -15.27 0.40 -11.52
C ASP A 356 -15.56 0.38 -10.04
N ILE A 357 -15.17 1.43 -9.34
CA ILE A 357 -15.40 1.58 -7.91
C ILE A 357 -16.18 2.86 -7.68
N SER A 358 -17.30 2.75 -6.96
CA SER A 358 -18.11 3.92 -6.65
C SER A 358 -17.28 4.92 -5.83
N TYR A 359 -17.68 6.19 -5.91
CA TYR A 359 -16.97 7.27 -5.23
C TYR A 359 -17.11 7.21 -3.71
N GLU A 360 -18.17 6.59 -3.21
CA GLU A 360 -18.40 6.53 -1.77
C GLU A 360 -17.39 5.66 -1.03
N ASN A 361 -16.73 4.74 -1.74
CA ASN A 361 -15.90 3.72 -1.09
C ASN A 361 -14.62 4.29 -0.50
N GLY A 362 -14.68 4.69 0.77
CA GLY A 362 -13.47 5.05 1.49
C GLY A 362 -12.87 6.35 1.02
N ILE A 363 -11.53 6.34 0.90
CA ILE A 363 -10.75 7.54 0.57
C ILE A 363 -10.79 7.87 -0.90
N VAL A 364 -11.57 7.13 -1.69
CA VAL A 364 -11.56 7.32 -3.13
C VAL A 364 -12.10 8.70 -3.48
N GLY A 365 -11.45 9.36 -4.44
CA GLY A 365 -11.87 10.67 -4.85
C GLY A 365 -12.96 10.64 -5.89
N LYS A 366 -13.62 11.80 -6.03
CA LYS A 366 -14.76 11.91 -6.93
C LYS A 366 -14.32 11.88 -8.39
N ASN A 367 -13.10 12.32 -8.68
CA ASN A 367 -12.55 12.24 -10.03
C ASN A 367 -11.04 12.19 -9.91
N PHE A 368 -10.36 12.43 -11.03
CA PHE A 368 -8.90 12.44 -11.05
C PHE A 368 -8.34 13.45 -10.05
N LYS A 369 -8.82 14.70 -10.13
CA LYS A 369 -8.30 15.76 -9.25
C LYS A 369 -8.51 15.41 -7.78
N GLU A 370 -9.73 15.00 -7.42
CA GLU A 370 -10.00 14.71 -6.01
C GLU A 370 -9.27 13.45 -5.57
N CYS A 371 -9.09 12.47 -6.45
CA CYS A 371 -8.28 11.31 -6.10
C CYS A 371 -6.86 11.75 -5.73
N VAL A 372 -6.25 12.58 -6.57
CA VAL A 372 -4.89 13.04 -6.29
C VAL A 372 -4.86 13.85 -5.00
N GLU A 373 -5.89 14.68 -4.78
CA GLU A 373 -5.93 15.50 -3.57
C GLU A 373 -6.01 14.63 -2.32
N ASN A 374 -6.87 13.62 -2.35
CA ASN A 374 -7.03 12.74 -1.20
C ASN A 374 -5.76 11.95 -0.94
N ILE A 375 -5.14 11.42 -2.00
CA ILE A 375 -3.91 10.65 -1.83
C ILE A 375 -2.81 11.54 -1.24
N SER A 376 -2.70 12.78 -1.74
CA SER A 376 -1.70 13.69 -1.22
C SER A 376 -1.95 14.01 0.25
N GLU A 377 -3.22 14.22 0.63
CA GLU A 377 -3.50 14.54 2.02
C GLU A 377 -3.21 13.36 2.92
N ILE A 378 -3.47 12.14 2.45
CA ILE A 378 -3.15 10.96 3.27
C ILE A 378 -1.64 10.78 3.37
N SER A 379 -0.92 11.09 2.30
CA SER A 379 0.54 11.09 2.39
C SER A 379 1.02 12.08 3.44
N LYS A 380 0.37 13.24 3.52
CA LYS A 380 0.66 14.22 4.57
C LYS A 380 0.31 13.66 5.95
N ILE A 381 -0.74 12.86 6.03
CA ILE A 381 -1.20 12.34 7.32
C ILE A 381 -0.27 11.24 7.84
N MET A 382 0.23 10.38 6.96
CA MET A 382 1.08 9.29 7.42
C MET A 382 2.33 9.81 8.11
N GLY A 383 2.82 10.99 7.70
CA GLY A 383 3.82 11.76 8.41
C GLY A 383 5.23 11.17 8.47
N ASP A 384 5.98 11.69 9.46
CA ASP A 384 7.38 11.37 9.66
C ASP A 384 7.51 9.98 10.28
N LEU A 385 7.91 9.01 9.47
CA LEU A 385 8.16 7.65 9.93
C LEU A 385 9.61 7.23 9.74
N ASP A 386 10.43 8.09 9.14
CA ASP A 386 11.81 7.71 8.83
C ASP A 386 12.63 7.47 10.08
N SER A 387 12.33 8.15 11.18
CA SER A 387 13.05 7.93 12.43
C SER A 387 12.93 6.47 12.88
N ASP A 388 11.70 5.97 12.93
CA ASP A 388 11.48 4.58 13.34
C ASP A 388 12.02 3.60 12.31
N ILE A 389 12.03 3.97 11.03
CA ILE A 389 12.61 3.10 10.01
C ILE A 389 14.10 2.93 10.26
N VAL A 390 14.81 4.04 10.49
CA VAL A 390 16.25 3.96 10.73
C VAL A 390 16.54 3.21 12.03
N LYS A 391 15.69 3.41 13.04
CA LYS A 391 15.84 2.63 14.26
C LYS A 391 15.69 1.14 14.00
N ILE A 392 14.78 0.78 13.09
CA ILE A 392 14.59 -0.64 12.77
C ILE A 392 15.78 -1.20 11.99
N MET A 393 16.27 -0.45 11.00
CA MET A 393 17.33 -0.97 10.13
C MET A 393 18.63 -1.19 10.89
N SER A 394 18.87 -0.41 11.94
CA SER A 394 20.13 -0.48 12.67
C SER A 394 20.31 -1.80 13.42
N LYS A 395 19.22 -2.52 13.70
CA LYS A 395 19.31 -3.77 14.44
C LYS A 395 19.72 -4.93 13.52
N MET B 3 5.22 -34.10 18.08
CA MET B 3 5.14 -32.74 18.64
C MET B 3 4.74 -32.81 20.11
N ASP B 4 4.92 -31.70 20.82
CA ASP B 4 4.54 -31.60 22.23
C ASP B 4 3.01 -31.63 22.36
N ASP B 5 2.55 -31.95 23.57
CA ASP B 5 1.13 -32.15 23.85
C ASP B 5 0.45 -30.83 24.21
N TYR B 6 1.06 -30.07 25.12
CA TYR B 6 0.51 -28.76 25.49
C TYR B 6 0.40 -27.85 24.28
N LYS B 7 1.40 -27.91 23.39
CA LYS B 7 1.36 -27.10 22.18
C LYS B 7 0.16 -27.47 21.32
N ARG B 8 -0.06 -28.77 21.10
CA ARG B 8 -1.20 -29.20 20.28
C ARG B 8 -2.52 -28.78 20.90
N ILE B 9 -2.66 -28.93 22.23
CA ILE B 9 -3.92 -28.59 22.87
C ILE B 9 -4.18 -27.09 22.79
N LEU B 10 -3.14 -26.27 23.02
CA LEU B 10 -3.29 -24.84 22.90
C LEU B 10 -3.67 -24.43 21.49
N ILE B 11 -3.00 -25.03 20.48
CA ILE B 11 -3.28 -24.69 19.10
C ILE B 11 -4.72 -25.07 18.74
N THR B 12 -5.17 -26.25 19.17
CA THR B 12 -6.55 -26.65 18.90
C THR B 12 -7.54 -25.69 19.54
N LYS B 13 -7.28 -25.29 20.79
CA LYS B 13 -8.18 -24.36 21.45
C LYS B 13 -8.24 -23.02 20.74
N ILE B 14 -7.07 -22.49 20.37
CA ILE B 14 -7.05 -21.17 19.74
C ILE B 14 -7.63 -21.21 18.34
N LEU B 15 -7.47 -22.33 17.62
CA LEU B 15 -8.09 -22.45 16.30
C LEU B 15 -9.60 -22.56 16.39
N LYS B 16 -10.11 -23.38 17.32
CA LYS B 16 -11.56 -23.44 17.51
C LYS B 16 -12.12 -22.12 18.02
N ASN B 17 -11.30 -21.29 18.67
CA ASN B 17 -11.77 -20.02 19.19
C ASN B 17 -11.82 -18.95 18.10
N GLU B 18 -10.71 -18.74 17.39
CA GLU B 18 -10.63 -17.62 16.46
C GLU B 18 -11.43 -17.85 15.18
N VAL B 19 -11.55 -19.10 14.74
CA VAL B 19 -12.23 -19.41 13.48
C VAL B 19 -13.72 -19.51 13.79
N THR B 20 -14.45 -18.47 13.45
CA THR B 20 -15.88 -18.37 13.69
C THR B 20 -16.59 -18.12 12.36
N GLU B 21 -17.90 -17.90 12.44
CA GLU B 21 -18.71 -17.57 11.27
C GLU B 21 -19.31 -16.19 11.51
N ALA B 22 -18.92 -15.23 10.68
CA ALA B 22 -19.43 -13.87 10.76
C ALA B 22 -20.24 -13.56 9.51
N LEU B 23 -21.47 -13.08 9.70
CA LEU B 23 -22.31 -12.72 8.57
C LEU B 23 -21.88 -11.41 7.92
N GLY B 24 -20.79 -10.82 8.39
CA GLY B 24 -20.27 -9.58 7.87
C GLY B 24 -21.25 -8.44 8.12
N CYS B 25 -20.95 -7.31 7.48
CA CYS B 25 -21.73 -6.08 7.57
C CYS B 25 -22.17 -5.81 9.01
N THR B 26 -21.22 -5.92 9.92
CA THR B 26 -21.53 -5.82 11.35
C THR B 26 -21.77 -4.38 11.78
N GLU B 27 -21.18 -3.41 11.06
CA GLU B 27 -21.29 -2.02 11.49
C GLU B 27 -22.66 -1.45 11.14
N VAL B 28 -23.11 -1.65 9.90
CA VAL B 28 -24.46 -1.25 9.52
C VAL B 28 -25.49 -2.02 10.32
N GLY B 29 -25.20 -3.28 10.64
CA GLY B 29 -26.09 -4.03 11.53
C GLY B 29 -26.18 -3.41 12.90
N LEU B 30 -25.05 -2.95 13.44
CA LEU B 30 -25.07 -2.29 14.74
C LEU B 30 -25.85 -0.98 14.68
N ILE B 31 -25.66 -0.21 13.62
CA ILE B 31 -26.39 1.05 13.46
C ILE B 31 -27.89 0.77 13.39
N GLY B 32 -28.29 -0.19 12.55
CA GLY B 32 -29.69 -0.51 12.42
C GLY B 32 -30.30 -1.02 13.72
N TYR B 33 -29.54 -1.82 14.48
CA TYR B 33 -30.04 -2.29 15.75
C TYR B 33 -30.20 -1.15 16.76
N ALA B 34 -29.22 -0.24 16.81
CA ALA B 34 -29.37 0.91 17.71
C ALA B 34 -30.59 1.73 17.35
N VAL B 35 -30.82 1.94 16.05
CA VAL B 35 -31.98 2.72 15.63
C VAL B 35 -33.28 1.99 15.95
N SER B 36 -33.31 0.68 15.74
CA SER B 36 -34.49 -0.13 16.03
C SER B 36 -34.77 -0.24 17.51
N LEU B 37 -33.75 -0.05 18.36
CA LEU B 37 -33.98 -0.04 19.80
C LEU B 37 -34.91 1.10 20.20
N CYS B 38 -34.93 2.18 19.41
CA CYS B 38 -35.91 3.23 19.63
C CYS B 38 -37.33 2.72 19.39
N ASN B 39 -37.48 1.68 18.56
CA ASN B 39 -38.77 1.03 18.30
C ASN B 39 -39.79 2.05 17.79
N ILE B 40 -39.42 2.72 16.69
CA ILE B 40 -40.30 3.70 16.08
C ILE B 40 -41.44 2.97 15.38
N SER B 41 -42.67 3.18 15.86
CA SER B 41 -43.83 2.58 15.22
C SER B 41 -44.08 3.20 13.85
N ASP B 42 -44.17 4.52 13.79
CA ASP B 42 -44.32 5.25 12.53
C ASP B 42 -43.04 6.02 12.24
N PRO B 43 -42.18 5.55 11.33
CA PRO B 43 -40.95 6.28 11.02
C PRO B 43 -41.18 7.64 10.39
N PHE B 44 -42.34 7.87 9.78
CA PHE B 44 -42.62 9.11 9.06
C PHE B 44 -43.07 10.24 9.97
N SER B 45 -43.11 10.05 11.28
CA SER B 45 -43.44 11.13 12.20
C SER B 45 -42.19 11.80 12.77
N ILE B 46 -41.01 11.39 12.31
CA ILE B 46 -39.75 11.90 12.84
C ILE B 46 -39.48 13.29 12.30
N GLU B 47 -38.95 14.16 13.16
CA GLU B 47 -38.49 15.49 12.77
C GLU B 47 -36.98 15.58 12.61
N LYS B 48 -36.21 14.88 13.45
CA LYS B 48 -34.76 14.95 13.36
C LYS B 48 -34.15 13.73 14.06
N ILE B 49 -33.23 13.05 13.37
CA ILE B 49 -32.47 11.94 13.92
C ILE B 49 -31.04 12.39 14.11
N GLU B 50 -30.41 11.92 15.19
CA GLU B 50 -29.03 12.30 15.52
C GLU B 50 -28.23 11.04 15.84
N LEU B 51 -27.60 10.46 14.82
CA LEU B 51 -26.75 9.30 14.99
C LEU B 51 -25.34 9.75 15.32
N THR B 52 -24.74 9.15 16.33
CA THR B 52 -23.37 9.44 16.74
C THR B 52 -22.55 8.17 16.67
N LEU B 53 -21.47 8.21 15.89
CA LEU B 53 -20.58 7.08 15.72
C LEU B 53 -19.15 7.51 16.03
N ASN B 54 -18.33 6.54 16.42
CA ASN B 54 -16.92 6.81 16.58
C ASN B 54 -16.22 6.78 15.23
N ASN B 55 -14.94 7.13 15.24
CA ASN B 55 -14.18 7.21 13.99
C ASN B 55 -14.19 5.87 13.28
N GLY B 56 -13.87 4.79 13.99
CA GLY B 56 -13.82 3.48 13.36
C GLY B 56 -15.16 3.02 12.82
N SER B 57 -16.23 3.25 13.58
CA SER B 57 -17.55 2.81 13.14
C SER B 57 -17.99 3.58 11.90
N PHE B 58 -17.88 4.92 11.92
CA PHE B 58 -18.25 5.72 10.76
C PHE B 58 -17.40 5.34 9.55
N LYS B 59 -16.12 5.04 9.76
CA LYS B 59 -15.27 4.61 8.65
C LYS B 59 -15.78 3.32 8.03
N ASN B 60 -15.98 2.30 8.85
CA ASN B 60 -16.33 0.98 8.33
C ASN B 60 -17.75 0.93 7.77
N ALA B 61 -18.65 1.78 8.25
CA ALA B 61 -20.05 1.71 7.84
C ALA B 61 -20.42 2.77 6.80
N TYR B 62 -19.48 3.63 6.40
CA TYR B 62 -19.84 4.71 5.49
C TYR B 62 -20.16 4.18 4.11
N ALA B 63 -19.46 3.15 3.66
CA ALA B 63 -19.59 2.69 2.28
C ALA B 63 -19.64 1.17 2.23
N VAL B 64 -20.40 0.55 3.12
CA VAL B 64 -20.62 -0.88 3.12
C VAL B 64 -22.09 -1.15 2.81
N GLY B 65 -22.36 -2.21 2.05
CA GLY B 65 -23.72 -2.52 1.68
C GLY B 65 -24.50 -3.11 2.85
N VAL B 66 -25.78 -2.75 2.93
CA VAL B 66 -26.63 -3.23 4.01
C VAL B 66 -27.42 -4.44 3.48
N PRO B 67 -27.52 -5.52 4.25
CA PRO B 67 -28.28 -6.68 3.78
C PRO B 67 -29.75 -6.34 3.57
N ASN B 68 -30.33 -6.92 2.51
CA ASN B 68 -31.74 -6.78 2.18
C ASN B 68 -32.14 -5.33 1.94
N THR B 69 -31.17 -4.45 1.63
CA THR B 69 -31.46 -3.09 1.22
C THR B 69 -30.96 -2.78 -0.18
N LYS B 70 -29.99 -3.54 -0.70
CA LYS B 70 -29.39 -3.27 -2.02
C LYS B 70 -28.86 -1.84 -2.11
N LYS B 71 -28.47 -1.28 -0.98
CA LYS B 71 -27.97 0.09 -0.90
C LYS B 71 -26.67 0.09 -0.10
N TYR B 72 -25.95 1.21 -0.22
CA TYR B 72 -24.69 1.42 0.48
C TYR B 72 -24.81 2.66 1.36
N GLY B 73 -24.13 2.63 2.50
CA GLY B 73 -24.02 3.81 3.36
C GLY B 73 -24.65 3.59 4.72
N ILE B 74 -24.71 4.67 5.48
CA ILE B 74 -25.27 4.63 6.83
C ILE B 74 -26.77 4.93 6.83
N LEU B 75 -27.20 5.84 5.96
CA LEU B 75 -28.63 6.14 5.84
C LEU B 75 -29.47 4.92 5.50
N PRO B 76 -29.07 4.03 4.58
CA PRO B 76 -29.85 2.79 4.39
C PRO B 76 -29.93 1.95 5.64
N ALA B 77 -28.84 1.86 6.42
CA ALA B 77 -28.88 1.11 7.67
C ALA B 77 -29.87 1.76 8.65
N VAL B 78 -29.92 3.09 8.67
CA VAL B 78 -30.85 3.78 9.54
C VAL B 78 -32.29 3.51 9.13
N VAL B 79 -32.57 3.55 7.82
CA VAL B 79 -33.91 3.25 7.34
C VAL B 79 -34.29 1.81 7.66
N GLY B 80 -33.35 0.89 7.52
CA GLY B 80 -33.64 -0.51 7.82
C GLY B 80 -33.88 -0.77 9.30
N GLY B 81 -33.14 -0.06 10.16
CA GLY B 81 -33.44 -0.12 11.58
C GLY B 81 -34.80 0.45 11.92
N LEU B 82 -35.19 1.54 11.25
CA LEU B 82 -36.52 2.10 11.45
C LEU B 82 -37.60 1.11 11.03
N LEU B 83 -37.37 0.38 9.94
CA LEU B 83 -38.34 -0.60 9.47
C LEU B 83 -38.12 -1.98 10.07
N GLY B 84 -37.31 -2.09 11.12
CA GLY B 84 -37.03 -3.34 11.78
C GLY B 84 -37.52 -3.34 13.21
N ASP B 85 -37.28 -4.46 13.89
CA ASP B 85 -37.65 -4.62 15.29
C ASP B 85 -36.38 -4.82 16.11
N HIS B 86 -36.38 -4.30 17.34
CA HIS B 86 -35.20 -4.42 18.19
C HIS B 86 -34.92 -5.86 18.60
N LYS B 87 -35.97 -6.68 18.73
CA LYS B 87 -35.79 -8.07 19.15
C LYS B 87 -34.97 -8.88 18.16
N ASN B 88 -34.80 -8.39 16.93
CA ASN B 88 -33.96 -9.03 15.93
C ASN B 88 -32.47 -8.84 16.19
N LYS B 89 -32.10 -7.97 17.13
CA LYS B 89 -30.69 -7.75 17.54
C LYS B 89 -29.91 -7.34 16.28
N LEU B 90 -28.78 -7.98 15.98
CA LEU B 90 -27.97 -7.61 14.82
C LEU B 90 -28.63 -7.94 13.49
N LEU B 91 -29.70 -8.72 13.47
CA LEU B 91 -30.38 -9.07 12.22
C LEU B 91 -31.62 -8.22 11.98
N VAL B 92 -31.52 -6.91 12.22
CA VAL B 92 -32.66 -6.02 12.05
C VAL B 92 -33.09 -5.95 10.60
N PHE B 93 -32.19 -6.26 9.67
CA PHE B 93 -32.43 -6.11 8.24
C PHE B 93 -33.00 -7.36 7.57
N ASN B 94 -33.43 -8.36 8.34
CA ASN B 94 -33.95 -9.60 7.74
C ASN B 94 -35.43 -9.48 7.41
N GLY B 95 -35.81 -9.98 6.23
CA GLY B 95 -37.19 -10.00 5.82
C GLY B 95 -37.80 -8.67 5.49
N ILE B 96 -37.00 -7.61 5.39
CA ILE B 96 -37.52 -6.27 5.24
C ILE B 96 -37.87 -6.00 3.77
N LYS B 97 -38.67 -4.95 3.57
CA LYS B 97 -38.99 -4.42 2.25
C LYS B 97 -38.61 -2.94 2.26
N TYR B 98 -37.48 -2.63 1.64
CA TYR B 98 -36.97 -1.26 1.64
C TYR B 98 -37.93 -0.32 0.92
N SER B 99 -38.22 0.81 1.55
CA SER B 99 -39.10 1.82 0.98
C SER B 99 -38.26 3.04 0.63
N GLN B 100 -38.16 3.35 -0.66
CA GLN B 100 -37.42 4.53 -1.10
C GLN B 100 -38.01 5.80 -0.50
N LYS B 101 -39.32 5.80 -0.22
CA LYS B 101 -39.96 6.99 0.34
C LYS B 101 -39.44 7.28 1.75
N LEU B 102 -39.26 6.25 2.57
CA LEU B 102 -38.72 6.49 3.91
C LEU B 102 -37.27 6.95 3.86
N GLU B 103 -36.49 6.44 2.90
CA GLU B 103 -35.13 6.93 2.72
C GLU B 103 -35.12 8.40 2.36
N ASP B 104 -35.98 8.80 1.41
CA ASP B 104 -36.06 10.20 1.03
C ASP B 104 -36.56 11.07 2.17
N PHE B 105 -37.39 10.52 3.06
CA PHE B 105 -37.84 11.28 4.22
C PHE B 105 -36.73 11.47 5.23
N ILE B 106 -36.00 10.40 5.55
CA ILE B 106 -34.99 10.46 6.60
C ILE B 106 -33.76 11.22 6.15
N LYS B 107 -33.50 11.25 4.84
CA LYS B 107 -32.31 11.95 4.34
C LYS B 107 -32.29 13.41 4.78
N GLU B 108 -33.48 14.03 4.86
CA GLU B 108 -33.55 15.43 5.24
C GLU B 108 -33.34 15.65 6.74
N ARG B 109 -33.43 14.59 7.55
CA ARG B 109 -33.44 14.73 8.99
C ARG B 109 -32.30 14.02 9.71
N LEU B 110 -31.56 13.15 9.04
CA LEU B 110 -30.49 12.38 9.67
C LEU B 110 -29.24 13.25 9.78
N LYS B 111 -28.96 13.72 11.00
CA LYS B 111 -27.76 14.50 11.28
C LYS B 111 -26.79 13.59 12.03
N ILE B 112 -25.70 13.22 11.36
CA ILE B 112 -24.73 12.29 11.91
C ILE B 112 -23.51 13.06 12.38
N ARG B 113 -22.95 12.64 13.52
CA ARG B 113 -21.81 13.31 14.12
C ARG B 113 -20.78 12.28 14.54
N VAL B 114 -19.51 12.56 14.25
CA VAL B 114 -18.42 11.63 14.51
C VAL B 114 -17.74 12.01 15.82
N ILE B 115 -17.21 10.99 16.51
CA ILE B 115 -16.56 11.17 17.80
C ILE B 115 -15.28 10.34 17.83
N ASN B 116 -14.36 10.74 18.70
CA ASN B 116 -13.10 10.02 18.88
C ASN B 116 -13.22 9.15 20.14
N SER B 117 -13.47 7.86 19.94
CA SER B 117 -13.79 6.94 21.03
C SER B 117 -13.74 5.50 20.53
N PRO B 118 -13.87 4.51 21.43
CA PRO B 118 -14.14 3.14 20.96
C PRO B 118 -15.52 3.05 20.32
N LEU B 119 -15.97 1.83 20.03
CA LEU B 119 -17.26 1.66 19.36
C LEU B 119 -18.36 2.35 20.14
N TYR B 120 -19.10 3.22 19.46
CA TYR B 120 -20.14 4.03 20.08
C TYR B 120 -21.20 4.33 19.03
N CYS B 121 -22.43 3.90 19.29
CA CYS B 121 -23.55 4.13 18.38
C CYS B 121 -24.74 4.61 19.22
N GLY B 122 -25.01 5.91 19.18
CA GLY B 122 -26.08 6.49 19.96
C GLY B 122 -27.08 7.24 19.11
N VAL B 123 -28.34 6.85 19.21
CA VAL B 123 -29.41 7.43 18.41
C VAL B 123 -30.34 8.22 19.32
N LYS B 124 -30.77 9.39 18.83
CA LYS B 124 -31.61 10.31 19.59
C LYS B 124 -32.64 10.88 18.63
N ILE B 125 -33.86 10.34 18.66
CA ILE B 125 -34.88 10.64 17.67
C ILE B 125 -36.01 11.43 18.34
N LYS B 126 -36.54 12.41 17.62
CA LYS B 126 -37.70 13.18 18.06
C LYS B 126 -38.77 13.13 16.99
N ASP B 127 -40.03 13.16 17.41
CA ASP B 127 -41.16 13.09 16.50
C ASP B 127 -41.94 14.40 16.51
N ASN B 128 -43.01 14.43 15.70
CA ASN B 128 -43.84 15.62 15.59
C ASN B 128 -44.53 15.93 16.91
N SER B 129 -44.91 14.89 17.66
CA SER B 129 -45.60 15.10 18.93
C SER B 129 -44.69 15.80 19.93
N GLY B 130 -43.40 15.44 19.95
CA GLY B 130 -42.47 16.04 20.90
C GLY B 130 -41.72 14.99 21.67
N ASN B 131 -42.17 13.75 21.59
CA ASN B 131 -41.52 12.65 22.28
C ASN B 131 -40.10 12.45 21.78
N THR B 132 -39.20 12.08 22.69
CA THR B 132 -37.81 11.80 22.36
C THR B 132 -37.47 10.38 22.78
N PHE B 133 -36.77 9.67 21.91
CA PHE B 133 -36.39 8.29 22.12
C PHE B 133 -34.89 8.18 21.98
N GLU B 134 -34.22 7.71 23.03
CA GLU B 134 -32.78 7.58 23.04
C GLU B 134 -32.38 6.11 23.10
N SER B 135 -31.25 5.80 22.46
CA SER B 135 -30.67 4.48 22.51
C SER B 135 -29.16 4.62 22.40
N LEU B 136 -28.43 3.68 22.99
CA LEU B 136 -26.98 3.77 23.03
C LEU B 136 -26.37 2.38 23.07
N ILE B 137 -25.29 2.19 22.31
CA ILE B 137 -24.51 0.96 22.32
C ILE B 137 -23.03 1.34 22.43
N LYS B 138 -22.36 0.82 23.45
CA LYS B 138 -21.01 1.27 23.79
C LYS B 138 -20.07 0.08 23.90
N ASP B 139 -18.79 0.33 23.60
CA ASP B 139 -17.68 -0.62 23.81
C ASP B 139 -17.76 -1.75 22.80
N ASN B 140 -18.12 -2.94 23.24
CA ASN B 140 -18.31 -4.04 22.29
C ASN B 140 -19.60 -3.82 21.49
N HIS B 141 -19.87 -4.75 20.56
CA HIS B 141 -21.08 -4.65 19.76
C HIS B 141 -22.34 -5.00 20.57
N LEU B 142 -22.34 -6.17 21.20
CA LEU B 142 -23.56 -6.77 21.73
C LEU B 142 -24.13 -6.05 22.96
N ASN B 143 -23.55 -4.95 23.43
CA ASN B 143 -23.98 -4.34 24.68
C ASN B 143 -24.65 -3.00 24.45
N VAL B 144 -25.97 -2.97 24.62
CA VAL B 144 -26.74 -1.73 24.58
C VAL B 144 -26.80 -1.15 25.98
N VAL B 145 -26.56 0.15 26.11
CA VAL B 145 -26.55 0.82 27.39
C VAL B 145 -27.84 1.59 27.62
N ILE B 146 -28.39 2.19 26.58
CA ILE B 146 -29.67 2.88 26.62
C ILE B 146 -30.64 2.11 25.74
N PRO B 147 -31.59 1.34 26.31
CA PRO B 147 -31.76 0.97 27.72
C PRO B 147 -30.68 0.02 28.20
N LYS B 148 -30.61 -0.22 29.51
CA LYS B 148 -29.50 -0.95 30.14
C LYS B 148 -29.67 -2.46 29.99
N ILE B 149 -29.43 -2.94 28.77
CA ILE B 149 -29.36 -4.38 28.56
C ILE B 149 -27.89 -4.72 28.36
N ASN B 150 -27.22 -5.01 29.47
CA ASN B 150 -25.78 -5.21 29.51
C ASN B 150 -25.37 -6.53 28.84
N ASN B 151 -24.18 -6.50 28.22
CA ASN B 151 -23.62 -7.70 27.59
C ASN B 151 -22.10 -7.61 27.67
N LYS B 152 -21.50 -8.50 28.46
CA LYS B 152 -20.06 -8.55 28.62
C LYS B 152 -19.42 -9.39 27.51
N LEU B 153 -18.33 -8.89 26.96
CA LEU B 153 -17.62 -9.59 25.89
C LEU B 153 -16.99 -10.88 26.41
N ASN B 158 -7.97 -16.19 27.79
CA ASN B 158 -7.18 -15.36 28.69
C ASN B 158 -5.85 -14.96 28.04
N GLY B 159 -5.23 -13.91 28.56
CA GLY B 159 -4.03 -13.36 27.94
C GLY B 159 -2.85 -14.32 27.97
N SER B 160 -2.83 -15.23 28.94
CA SER B 160 -1.71 -16.16 29.05
C SER B 160 -1.61 -17.04 27.81
N GLU B 161 -2.76 -17.48 27.27
CA GLU B 161 -2.74 -18.30 26.06
C GLU B 161 -2.24 -17.51 24.87
N LYS B 162 -2.66 -16.25 24.73
CA LYS B 162 -2.15 -15.41 23.65
C LYS B 162 -0.64 -15.23 23.74
N GLU B 163 -0.13 -14.97 24.95
CA GLU B 163 1.31 -14.78 25.10
C GLU B 163 2.07 -16.08 24.82
N GLU B 164 1.55 -17.22 25.27
CA GLU B 164 2.19 -18.50 24.97
C GLU B 164 2.15 -18.78 23.47
N TYR B 165 1.09 -18.37 22.79
CA TYR B 165 1.03 -18.53 21.34
C TYR B 165 2.03 -17.62 20.66
N LYS B 166 2.29 -16.44 21.23
CA LYS B 166 3.27 -15.53 20.64
C LYS B 166 4.69 -16.07 20.71
N ASN B 167 5.00 -16.91 21.69
CA ASN B 167 6.35 -17.44 21.84
C ASN B 167 6.60 -18.71 21.04
N LEU B 168 5.65 -19.13 20.22
CA LEU B 168 5.82 -20.31 19.38
C LEU B 168 6.67 -19.97 18.16
N GLU B 169 7.10 -21.01 17.46
CA GLU B 169 7.86 -20.86 16.24
C GLU B 169 7.08 -21.47 15.09
N LEU B 170 7.53 -21.15 13.86
CA LEU B 170 6.91 -21.71 12.68
C LEU B 170 7.02 -23.23 12.67
N LEU B 171 8.06 -23.77 13.32
CA LEU B 171 8.23 -25.21 13.42
C LEU B 171 7.06 -25.86 14.16
N ASP B 172 6.52 -25.17 15.18
CA ASP B 172 5.37 -25.68 15.88
C ASP B 172 4.16 -25.79 14.96
N PHE B 173 3.95 -24.78 14.10
CA PHE B 173 2.84 -24.83 13.16
C PHE B 173 3.05 -25.94 12.13
N LEU B 174 4.29 -26.14 11.68
CA LEU B 174 4.57 -27.20 10.71
C LEU B 174 4.37 -28.58 11.32
N GLU B 175 4.70 -28.75 12.60
CA GLU B 175 4.50 -30.04 13.25
C GLU B 175 3.04 -30.29 13.60
N TYR B 176 2.26 -29.23 13.81
CA TYR B 176 0.85 -29.41 14.14
C TYR B 176 0.06 -29.90 12.94
N ILE B 177 0.38 -29.41 11.75
CA ILE B 177 -0.37 -29.78 10.54
C ILE B 177 0.01 -31.20 10.12
N ASP B 178 0.85 -31.88 10.90
CA ASP B 178 1.10 -33.29 10.67
C ASP B 178 0.33 -34.21 11.59
N GLU B 179 -0.05 -33.75 12.80
CA GLU B 179 -0.92 -34.50 13.70
C GLU B 179 -2.13 -33.63 14.06
N ILE B 180 -3.03 -33.46 13.09
CA ILE B 180 -4.22 -32.62 13.25
C ILE B 180 -5.35 -33.46 13.83
N PRO B 181 -6.06 -32.96 14.85
CA PRO B 181 -7.28 -33.65 15.29
C PRO B 181 -8.35 -33.58 14.21
N GLU B 182 -9.30 -34.52 14.31
CA GLU B 182 -10.35 -34.59 13.30
C GLU B 182 -11.26 -33.37 13.33
N GLU B 183 -11.52 -32.84 14.52
CA GLU B 183 -12.35 -31.65 14.62
C GLU B 183 -11.73 -30.48 13.86
N ILE B 184 -10.39 -30.37 13.89
CA ILE B 184 -9.74 -29.27 13.19
C ILE B 184 -9.75 -29.50 11.68
N ILE B 185 -9.65 -30.77 11.24
CA ILE B 185 -9.78 -31.07 9.83
C ILE B 185 -11.17 -30.69 9.32
N GLN B 186 -12.20 -31.04 10.10
CA GLN B 186 -13.55 -30.64 9.74
C GLN B 186 -13.70 -29.13 9.73
N LEU B 187 -13.02 -28.45 10.65
CA LEU B 187 -13.04 -26.99 10.66
C LEU B 187 -12.44 -26.42 9.39
N VAL B 188 -11.30 -26.95 8.95
CA VAL B 188 -10.66 -26.45 7.74
C VAL B 188 -11.52 -26.74 6.51
N GLU B 189 -12.10 -27.94 6.45
CA GLU B 189 -12.94 -28.26 5.30
C GLU B 189 -14.18 -27.39 5.26
N LYS B 190 -14.81 -27.13 6.41
CA LYS B 190 -15.97 -26.25 6.45
C LYS B 190 -15.57 -24.82 6.08
N THR B 191 -14.37 -24.41 6.47
CA THR B 191 -13.85 -23.10 6.07
C THR B 191 -13.73 -22.99 4.56
N ILE B 192 -13.08 -23.97 3.94
CA ILE B 192 -12.91 -23.97 2.49
C ILE B 192 -14.27 -23.99 1.79
N TYR B 193 -15.22 -24.78 2.32
CA TYR B 193 -16.56 -24.83 1.76
C TYR B 193 -17.23 -23.46 1.81
N THR B 194 -17.22 -22.84 3.00
CA THR B 194 -17.88 -21.54 3.17
C THR B 194 -17.25 -20.49 2.27
N ASN B 195 -15.93 -20.50 2.12
CA ASN B 195 -15.27 -19.46 1.35
C ASN B 195 -15.38 -19.70 -0.15
N ASN B 196 -15.45 -20.97 -0.59
CA ASN B 196 -15.66 -21.24 -2.00
C ASN B 196 -17.10 -20.92 -2.40
N ASN B 197 -18.06 -21.12 -1.49
CA ASN B 197 -19.43 -20.74 -1.78
C ASN B 197 -19.62 -19.23 -1.87
N LEU B 198 -18.69 -18.43 -1.31
CA LEU B 198 -18.78 -16.98 -1.44
C LEU B 198 -18.43 -16.50 -2.83
N ILE B 199 -17.84 -17.35 -3.67
CA ILE B 199 -17.46 -16.94 -5.02
C ILE B 199 -18.73 -16.85 -5.87
N LYS B 200 -19.04 -15.65 -6.34
CA LYS B 200 -20.21 -15.40 -7.17
C LYS B 200 -19.77 -14.58 -8.38
N GLY B 201 -19.54 -15.26 -9.50
CA GLY B 201 -19.20 -14.60 -10.74
C GLY B 201 -17.72 -14.24 -10.83
N ASP B 202 -17.44 -13.31 -11.75
CA ASP B 202 -16.10 -12.80 -11.97
C ASP B 202 -16.04 -11.34 -11.53
N PHE B 203 -14.96 -10.99 -10.82
CA PHE B 203 -14.72 -9.60 -10.47
C PHE B 203 -13.44 -9.05 -11.08
N LEU B 204 -12.42 -9.86 -11.28
CA LEU B 204 -11.16 -9.42 -11.88
C LEU B 204 -10.49 -10.60 -12.58
N ASN B 205 -11.17 -11.16 -13.59
CA ASN B 205 -10.65 -12.28 -14.38
C ASN B 205 -10.26 -11.80 -15.77
N PHE B 206 -8.95 -11.71 -16.02
CA PHE B 206 -8.43 -11.30 -17.31
C PHE B 206 -7.56 -12.39 -17.94
N GLY B 207 -7.92 -13.65 -17.71
CA GLY B 207 -7.20 -14.76 -18.29
C GLY B 207 -7.64 -16.06 -17.66
N ASN B 208 -6.97 -17.13 -18.09
CA ASN B 208 -7.22 -18.47 -17.58
C ASN B 208 -5.99 -19.06 -16.89
N ASP B 209 -5.02 -18.22 -16.53
CA ASP B 209 -3.83 -18.68 -15.83
C ASP B 209 -4.08 -18.74 -14.33
N CYS B 210 -3.05 -19.14 -13.59
CA CYS B 210 -3.19 -19.40 -12.16
C CYS B 210 -3.52 -18.14 -11.38
N LEU B 211 -2.67 -17.11 -11.49
CA LEU B 211 -2.91 -15.90 -10.72
C LEU B 211 -4.19 -15.19 -11.16
N SER B 212 -4.56 -15.33 -12.44
CA SER B 212 -5.84 -14.80 -12.88
C SER B 212 -6.97 -15.43 -12.07
N ASN B 213 -6.96 -16.76 -11.94
CA ASN B 213 -7.96 -17.43 -11.13
C ASN B 213 -7.88 -17.01 -9.68
N MET B 214 -6.67 -16.85 -9.15
CA MET B 214 -6.51 -16.46 -7.74
C MET B 214 -7.18 -15.12 -7.47
N VAL B 215 -6.76 -14.10 -8.21
CA VAL B 215 -7.31 -12.76 -8.03
C VAL B 215 -8.82 -12.76 -8.29
N ASN B 216 -9.24 -13.43 -9.38
CA ASN B 216 -10.66 -13.47 -9.74
C ASN B 216 -11.50 -14.03 -8.60
N LYS B 217 -11.17 -15.23 -8.11
CA LYS B 217 -11.98 -15.86 -7.08
C LYS B 217 -11.93 -15.09 -5.78
N THR B 218 -10.75 -14.60 -5.39
CA THR B 218 -10.65 -13.87 -4.13
C THR B 218 -11.48 -12.60 -4.17
N THR B 219 -11.34 -11.80 -5.23
CA THR B 219 -12.11 -10.58 -5.36
C THR B 219 -13.60 -10.86 -5.49
N SER B 220 -13.97 -11.96 -6.15
CA SER B 220 -15.38 -12.29 -6.29
C SER B 220 -16.00 -12.60 -4.92
N ALA B 221 -15.31 -13.40 -4.11
CA ALA B 221 -15.85 -13.73 -2.79
C ALA B 221 -15.87 -12.51 -1.87
N CYS B 222 -14.84 -11.66 -1.95
CA CYS B 222 -14.84 -10.45 -1.15
C CYS B 222 -15.98 -9.53 -1.56
N ASN B 223 -16.20 -9.36 -2.87
CA ASN B 223 -17.30 -8.53 -3.34
C ASN B 223 -18.64 -9.09 -2.88
N THR B 224 -18.77 -10.42 -2.86
CA THR B 224 -19.99 -11.04 -2.34
C THR B 224 -20.18 -10.71 -0.87
N ARG B 225 -19.11 -10.77 -0.08
CA ARG B 225 -19.25 -10.43 1.33
C ARG B 225 -19.54 -8.95 1.55
N MET B 226 -19.10 -8.10 0.62
CA MET B 226 -19.19 -6.65 0.85
C MET B 226 -20.57 -6.09 0.50
N ILE B 227 -21.21 -6.58 -0.56
CA ILE B 227 -22.42 -5.94 -1.09
C ILE B 227 -23.61 -6.20 -0.19
N GLY B 228 -23.39 -6.91 0.92
CA GLY B 228 -24.44 -7.11 1.88
C GLY B 228 -25.27 -8.36 1.66
N GLU B 229 -24.72 -9.38 1.02
CA GLU B 229 -25.46 -10.62 0.89
C GLU B 229 -25.63 -11.26 2.26
N ASN B 230 -26.77 -11.93 2.45
CA ASN B 230 -27.04 -12.61 3.72
C ASN B 230 -26.48 -14.03 3.67
N MET B 231 -25.16 -14.09 3.47
CA MET B 231 -24.41 -15.34 3.41
C MET B 231 -23.24 -15.22 4.40
N PRO B 232 -23.09 -16.18 5.31
CA PRO B 232 -22.01 -16.08 6.29
C PRO B 232 -20.65 -16.30 5.65
N ALA B 233 -19.63 -15.80 6.34
CA ALA B 233 -18.24 -15.95 5.95
C ALA B 233 -17.45 -16.55 7.09
N MET B 234 -16.60 -17.52 6.78
CA MET B 234 -15.74 -18.12 7.79
C MET B 234 -14.63 -17.14 8.14
N SER B 235 -14.72 -16.52 9.30
CA SER B 235 -13.82 -15.45 9.71
C SER B 235 -12.78 -15.95 10.70
N VAL B 236 -11.59 -15.36 10.62
CA VAL B 236 -10.54 -15.55 11.61
C VAL B 236 -10.44 -14.26 12.42
N ALA B 237 -10.58 -14.39 13.74
CA ALA B 237 -10.58 -13.24 14.64
C ALA B 237 -11.67 -12.24 14.24
N LYS B 238 -12.81 -12.77 13.81
CA LYS B 238 -13.99 -11.99 13.47
C LYS B 238 -13.73 -10.95 12.37
N SER B 239 -12.68 -11.13 11.58
CA SER B 239 -12.37 -10.26 10.45
C SER B 239 -12.55 -11.11 9.19
N GLY B 240 -13.72 -10.97 8.56
CA GLY B 240 -14.04 -11.83 7.43
C GLY B 240 -13.08 -11.66 6.28
N ASN B 241 -12.73 -10.41 5.95
CA ASN B 241 -11.80 -10.17 4.86
C ASN B 241 -10.43 -10.78 5.15
N MET B 242 -10.03 -10.81 6.41
CA MET B 242 -8.79 -11.49 6.80
C MET B 242 -8.87 -12.98 6.48
N GLY B 243 -9.99 -13.62 6.81
CA GLY B 243 -10.14 -15.04 6.51
C GLY B 243 -10.14 -15.32 5.02
N ILE B 244 -10.82 -14.48 4.24
CA ILE B 244 -10.79 -14.63 2.79
C ILE B 244 -9.36 -14.51 2.27
N MET B 245 -8.64 -13.48 2.72
CA MET B 245 -7.26 -13.28 2.29
C MET B 245 -6.37 -14.45 2.67
N ALA B 246 -6.65 -15.10 3.81
CA ALA B 246 -5.79 -16.19 4.23
C ALA B 246 -6.09 -17.49 3.50
N THR B 247 -7.36 -17.76 3.21
CA THR B 247 -7.70 -19.06 2.63
C THR B 247 -7.73 -19.03 1.11
N LEU B 248 -8.43 -18.06 0.51
CA LEU B 248 -8.76 -18.15 -0.91
C LEU B 248 -7.55 -18.20 -1.84
N PRO B 249 -6.48 -17.42 -1.64
CA PRO B 249 -5.31 -17.58 -2.51
C PRO B 249 -4.80 -19.01 -2.58
N ILE B 250 -4.78 -19.71 -1.44
CA ILE B 250 -4.33 -21.09 -1.43
C ILE B 250 -5.32 -21.99 -2.16
N ILE B 251 -6.62 -21.75 -1.94
CA ILE B 251 -7.65 -22.54 -2.63
C ILE B 251 -7.48 -22.42 -4.13
N ALA B 252 -7.24 -21.20 -4.62
CA ALA B 252 -7.14 -20.96 -6.05
C ALA B 252 -5.83 -21.45 -6.64
N TYR B 253 -4.73 -21.39 -5.88
CA TYR B 253 -3.50 -21.99 -6.38
C TYR B 253 -3.65 -23.51 -6.48
N ASP B 254 -4.30 -24.13 -5.50
CA ASP B 254 -4.54 -25.57 -5.59
C ASP B 254 -5.49 -25.91 -6.72
N TYR B 255 -6.45 -25.02 -7.01
CA TYR B 255 -7.38 -25.24 -8.11
C TYR B 255 -6.66 -25.23 -9.45
N SER B 256 -5.62 -24.41 -9.59
CA SER B 256 -4.88 -24.25 -10.85
C SER B 256 -3.57 -25.03 -10.88
N ASN B 257 -3.39 -26.01 -9.99
CA ASN B 257 -2.15 -26.78 -9.98
C ASN B 257 -2.39 -28.28 -9.87
N GLU B 258 -2.20 -28.84 -8.68
CA GLU B 258 -2.15 -30.30 -8.51
C GLU B 258 -3.50 -30.91 -8.14
N GLN B 259 -4.45 -30.10 -7.66
CA GLN B 259 -5.75 -30.59 -7.20
C GLN B 259 -5.59 -31.64 -6.09
N ASN B 260 -4.90 -31.25 -5.03
CA ASN B 260 -4.64 -32.12 -3.90
C ASN B 260 -5.52 -31.71 -2.74
N GLN B 261 -6.17 -32.70 -2.10
CA GLN B 261 -7.10 -32.42 -1.01
C GLN B 261 -6.38 -32.20 0.32
N GLU B 262 -5.67 -33.23 0.80
CA GLU B 262 -5.02 -33.12 2.10
C GLU B 262 -3.94 -32.03 2.09
N LYS B 263 -3.27 -31.86 0.96
CA LYS B 263 -2.25 -30.82 0.85
C LYS B 263 -2.87 -29.43 1.01
N LEU B 264 -4.00 -29.18 0.34
CA LEU B 264 -4.68 -27.89 0.48
C LEU B 264 -5.20 -27.70 1.90
N ILE B 265 -5.70 -28.77 2.51
CA ILE B 265 -6.17 -28.68 3.89
C ILE B 265 -5.04 -28.24 4.82
N LYS B 266 -3.88 -28.90 4.68
CA LYS B 266 -2.73 -28.57 5.52
C LYS B 266 -2.23 -27.15 5.26
N SER B 267 -2.20 -26.74 3.99
CA SER B 267 -1.71 -25.41 3.66
C SER B 267 -2.63 -24.32 4.19
N ILE B 268 -3.95 -24.51 4.07
CA ILE B 268 -4.89 -23.52 4.60
C ILE B 268 -4.85 -23.51 6.12
N LEU B 269 -4.63 -24.66 6.75
CA LEU B 269 -4.50 -24.68 8.20
C LEU B 269 -3.26 -23.90 8.64
N LEU B 270 -2.14 -24.09 7.93
CA LEU B 270 -0.94 -23.32 8.24
C LEU B 270 -1.15 -21.84 7.98
N SER B 271 -1.89 -21.50 6.93
CA SER B 271 -2.23 -20.10 6.68
C SER B 271 -2.99 -19.50 7.84
N VAL B 272 -3.98 -20.23 8.36
CA VAL B 272 -4.76 -19.72 9.48
C VAL B 272 -3.89 -19.60 10.71
N LEU B 273 -3.00 -20.56 10.93
CA LEU B 273 -2.08 -20.48 12.07
C LEU B 273 -1.22 -19.23 11.98
N VAL B 274 -0.64 -18.98 10.80
CA VAL B 274 0.22 -17.82 10.62
C VAL B 274 -0.60 -16.53 10.74
N THR B 275 -1.83 -16.55 10.25
CA THR B 275 -2.69 -15.37 10.34
C THR B 275 -3.02 -15.04 11.79
N ILE B 276 -3.39 -16.07 12.56
CA ILE B 276 -3.70 -15.88 13.98
C ILE B 276 -2.46 -15.41 14.73
N TYR B 277 -1.30 -15.97 14.40
CA TYR B 277 -0.06 -15.55 15.04
C TYR B 277 0.22 -14.07 14.76
N ALA B 278 0.11 -13.67 13.49
CA ALA B 278 0.36 -12.29 13.13
C ALA B 278 -0.63 -11.36 13.82
N THR B 279 -1.89 -11.77 13.93
CA THR B 279 -2.87 -10.95 14.62
C THR B 279 -2.52 -10.82 16.09
N TYR B 280 -2.06 -11.91 16.72
CA TYR B 280 -1.67 -11.84 18.12
C TYR B 280 -0.48 -10.92 18.32
N LYS B 281 0.47 -10.92 17.37
CA LYS B 281 1.66 -10.09 17.53
C LYS B 281 1.33 -8.61 17.39
N SER B 282 0.46 -8.26 16.44
CA SER B 282 0.03 -6.88 16.25
C SER B 282 -1.05 -6.55 17.27
N SER B 283 -0.61 -6.49 18.54
CA SER B 283 -1.54 -6.33 19.65
C SER B 283 -2.18 -4.96 19.65
N TYR B 284 -1.51 -3.95 19.12
CA TYR B 284 -2.03 -2.59 19.15
C TYR B 284 -2.88 -2.32 17.90
N LEU B 285 -3.88 -1.47 18.07
CA LEU B 285 -4.73 -1.06 16.96
C LEU B 285 -3.94 -0.28 15.92
N SER B 286 -4.47 -0.29 14.70
CA SER B 286 -3.79 0.39 13.60
C SER B 286 -4.82 0.72 12.52
N SER B 287 -4.59 1.85 11.85
CA SER B 287 -5.31 2.16 10.63
C SER B 287 -4.73 1.46 9.41
N MET B 288 -3.57 0.81 9.57
CA MET B 288 -3.07 -0.06 8.53
C MET B 288 -3.98 -1.26 8.36
N CYS B 289 -4.15 -1.70 7.12
CA CYS B 289 -5.04 -2.82 6.80
C CYS B 289 -4.48 -4.10 7.42
N GLY B 290 -5.02 -4.47 8.59
CA GLY B 290 -4.55 -5.68 9.24
C GLY B 290 -5.00 -6.94 8.54
N ALA B 291 -6.18 -6.91 7.93
CA ALA B 291 -6.68 -8.08 7.22
C ALA B 291 -5.72 -8.49 6.11
N VAL B 292 -5.41 -7.56 5.19
CA VAL B 292 -4.50 -7.86 4.10
C VAL B 292 -3.18 -8.40 4.64
N SER B 293 -2.56 -7.66 5.56
CA SER B 293 -1.23 -8.03 6.04
C SER B 293 -1.22 -9.42 6.66
N LYS B 294 -2.08 -9.64 7.66
CA LYS B 294 -2.03 -10.89 8.42
C LYS B 294 -2.50 -12.08 7.58
N GLY B 295 -3.66 -11.94 6.93
CA GLY B 295 -4.14 -13.01 6.08
C GLY B 295 -3.20 -13.32 4.93
N GLY B 296 -2.51 -12.30 4.40
CA GLY B 296 -1.56 -12.53 3.34
C GLY B 296 -0.30 -13.18 3.81
N MET B 297 0.15 -12.87 5.02
CA MET B 297 1.27 -13.60 5.59
C MET B 297 0.92 -15.07 5.76
N GLY B 298 -0.26 -15.34 6.31
CA GLY B 298 -0.73 -16.72 6.39
C GLY B 298 -0.78 -17.38 5.02
N ALA B 299 -1.35 -16.68 4.04
CA ALA B 299 -1.52 -17.26 2.71
C ALA B 299 -0.20 -17.50 2.02
N VAL B 300 0.78 -16.60 2.21
CA VAL B 300 2.06 -16.79 1.54
C VAL B 300 2.85 -17.90 2.21
N ILE B 301 2.72 -18.05 3.53
CA ILE B 301 3.35 -19.19 4.18
C ILE B 301 2.73 -20.49 3.70
N GLY B 302 1.40 -20.51 3.56
CA GLY B 302 0.74 -21.69 3.04
C GLY B 302 1.13 -22.01 1.60
N LEU B 303 1.27 -20.96 0.78
CA LEU B 303 1.67 -21.17 -0.61
C LEU B 303 3.10 -21.69 -0.70
N CYS B 304 3.98 -21.18 0.14
CA CYS B 304 5.35 -21.71 0.16
C CYS B 304 5.37 -23.15 0.65
N TYR B 305 4.51 -23.48 1.60
CA TYR B 305 4.40 -24.86 2.07
C TYR B 305 3.84 -25.78 1.00
N TYR B 306 2.94 -25.26 0.15
CA TYR B 306 2.39 -26.09 -0.93
C TYR B 306 3.40 -26.28 -2.07
N LYS B 307 4.19 -25.24 -2.38
CA LYS B 307 5.11 -25.34 -3.51
C LYS B 307 6.40 -26.05 -3.14
N ASN B 308 7.04 -25.65 -2.04
CA ASN B 308 8.35 -26.15 -1.68
C ASN B 308 8.34 -26.98 -0.41
N GLY B 309 7.18 -27.14 0.24
CA GLY B 309 7.07 -28.03 1.38
C GLY B 309 7.62 -27.44 2.67
N LYS B 310 8.14 -28.34 3.51
CA LYS B 310 8.70 -28.00 4.82
C LYS B 310 10.15 -27.56 4.66
N ASN B 311 10.31 -26.34 4.12
CA ASN B 311 11.61 -25.74 3.87
C ASN B 311 11.69 -24.43 4.64
N ILE B 312 12.61 -24.36 5.62
CA ILE B 312 12.70 -23.17 6.47
C ILE B 312 13.23 -21.99 5.67
N LYS B 313 14.24 -22.22 4.82
CA LYS B 313 14.78 -21.12 4.03
C LYS B 313 13.77 -20.61 3.00
N LYS B 314 12.99 -21.53 2.41
CA LYS B 314 11.98 -21.13 1.44
C LYS B 314 10.91 -20.26 2.09
N LEU B 315 10.42 -20.68 3.27
CA LEU B 315 9.42 -19.90 3.99
C LEU B 315 9.99 -18.56 4.45
N ASP B 316 11.26 -18.55 4.88
CA ASP B 316 11.93 -17.30 5.23
C ASP B 316 11.97 -16.35 4.04
N SER B 317 12.33 -16.86 2.86
CA SER B 317 12.39 -16.03 1.67
C SER B 317 11.02 -15.49 1.29
N ALA B 318 9.99 -16.34 1.38
CA ALA B 318 8.64 -15.87 1.09
C ALA B 318 8.22 -14.76 2.04
N ALA B 319 8.50 -14.93 3.33
CA ALA B 319 8.17 -13.89 4.30
C ALA B 319 8.95 -12.61 4.03
N ARG B 320 10.22 -12.73 3.65
CA ARG B 320 11.04 -11.55 3.39
C ARG B 320 10.52 -10.78 2.19
N THR B 321 10.22 -11.48 1.09
CA THR B 321 9.70 -10.82 -0.09
C THR B 321 8.32 -10.22 0.17
N PHE B 322 7.50 -10.89 0.99
CA PHE B 322 6.19 -10.33 1.31
C PHE B 322 6.34 -9.06 2.14
N THR B 323 7.23 -9.07 3.13
CA THR B 323 7.45 -7.89 3.96
C THR B 323 8.00 -6.73 3.13
N ALA B 324 8.88 -7.03 2.18
CA ALA B 324 9.40 -6.00 1.29
C ALA B 324 8.36 -5.53 0.28
N ASN B 325 7.34 -6.35 0.02
CA ASN B 325 6.48 -6.12 -1.15
C ASN B 325 5.43 -5.05 -0.92
N LEU B 326 4.44 -5.31 -0.08
CA LEU B 326 3.27 -4.45 0.05
C LEU B 326 2.98 -4.06 1.49
N PRO B 327 3.90 -3.35 2.15
CA PRO B 327 3.65 -2.94 3.54
C PRO B 327 3.00 -1.58 3.68
N GLY B 328 2.13 -1.48 4.70
CA GLY B 328 1.52 -0.21 5.05
C GLY B 328 0.35 0.27 4.23
N ILE B 329 -0.50 -0.65 3.76
CA ILE B 329 -1.71 -0.24 3.03
C ILE B 329 -2.74 0.28 4.02
N ILE B 330 -3.55 1.24 3.56
CA ILE B 330 -4.52 1.91 4.41
C ILE B 330 -5.76 1.04 4.60
N CYS B 331 -6.34 1.10 5.80
CA CYS B 331 -7.65 0.51 6.08
C CYS B 331 -8.67 1.64 6.05
N ASP B 332 -9.13 1.96 4.84
CA ASP B 332 -10.04 3.06 4.60
C ASP B 332 -11.52 2.65 4.69
N GLY B 333 -11.82 1.58 5.42
CA GLY B 333 -13.21 1.20 5.65
C GLY B 333 -13.70 0.08 4.77
N GLY B 334 -14.53 -0.80 5.32
CA GLY B 334 -15.15 -1.88 4.57
C GLY B 334 -15.87 -1.39 3.33
N LYS B 335 -15.42 -1.80 2.16
CA LYS B 335 -15.94 -1.28 0.91
C LYS B 335 -15.80 -2.34 -0.18
N VAL B 336 -16.47 -2.08 -1.30
CA VAL B 336 -16.30 -2.92 -2.49
C VAL B 336 -14.85 -2.88 -2.93
N GLY B 337 -14.20 -1.72 -2.80
CA GLY B 337 -12.80 -1.58 -3.16
C GLY B 337 -11.86 -2.37 -2.27
N CYS B 338 -12.31 -2.76 -1.09
CA CYS B 338 -11.50 -3.60 -0.22
C CYS B 338 -11.02 -4.85 -0.95
N ALA B 339 -11.92 -5.44 -1.75
CA ALA B 339 -11.56 -6.60 -2.56
C ALA B 339 -10.29 -6.34 -3.35
N LEU B 340 -10.21 -5.18 -3.99
CA LEU B 340 -9.02 -4.82 -4.76
C LEU B 340 -7.76 -4.95 -3.92
N LYS B 341 -7.80 -4.42 -2.70
CA LYS B 341 -6.65 -4.58 -1.81
C LYS B 341 -6.30 -6.05 -1.62
N LEU B 342 -7.31 -6.88 -1.35
CA LEU B 342 -7.08 -8.31 -1.22
C LEU B 342 -6.46 -8.89 -2.49
N ALA B 343 -6.90 -8.40 -3.65
CA ALA B 343 -6.28 -8.81 -4.91
C ALA B 343 -4.78 -8.54 -4.88
N SER B 344 -4.41 -7.33 -4.49
CA SER B 344 -3.01 -6.99 -4.30
C SER B 344 -2.33 -7.99 -3.38
N GLY B 345 -3.01 -8.36 -2.28
CA GLY B 345 -2.47 -9.38 -1.40
C GLY B 345 -2.10 -10.64 -2.13
N CYS B 346 -3.02 -11.13 -2.99
CA CYS B 346 -2.71 -12.28 -3.82
C CYS B 346 -1.39 -12.07 -4.53
N PHE B 347 -1.25 -10.94 -5.21
CA PHE B 347 0.01 -10.57 -5.85
C PHE B 347 1.16 -10.67 -4.86
N ALA B 348 1.03 -9.97 -3.73
CA ALA B 348 2.10 -9.96 -2.74
C ALA B 348 2.48 -11.36 -2.30
N ALA B 349 1.53 -12.28 -2.29
CA ALA B 349 1.85 -13.66 -1.93
C ALA B 349 2.59 -14.35 -3.08
N TYR B 350 2.01 -14.28 -4.29
CA TYR B 350 2.58 -15.04 -5.40
C TYR B 350 3.97 -14.55 -5.75
N SER B 351 4.18 -13.23 -5.76
CA SER B 351 5.50 -12.67 -6.04
C SER B 351 6.55 -13.21 -5.07
N SER B 352 6.14 -13.60 -3.87
CA SER B 352 7.09 -14.10 -2.89
C SER B 352 7.50 -15.55 -3.13
N LEU B 353 6.83 -16.26 -4.04
CA LEU B 353 7.12 -17.66 -4.30
C LEU B 353 8.24 -17.86 -5.31
N PHE B 354 8.71 -16.81 -5.98
CA PHE B 354 9.78 -16.93 -6.97
C PHE B 354 10.86 -15.87 -6.81
N VAL B 355 10.84 -15.10 -5.73
CA VAL B 355 11.82 -14.05 -5.51
C VAL B 355 12.32 -14.14 -4.07
N ASP B 356 13.62 -13.94 -3.89
CA ASP B 356 14.25 -13.86 -2.58
C ASP B 356 14.74 -12.44 -2.34
N ILE B 357 14.44 -11.89 -1.16
CA ILE B 357 14.86 -10.55 -0.79
C ILE B 357 15.70 -10.66 0.46
N SER B 358 16.93 -10.14 0.39
CA SER B 358 17.83 -10.16 1.53
C SER B 358 17.25 -9.34 2.68
N TYR B 359 17.67 -9.68 3.90
CA TYR B 359 17.19 -8.97 5.08
C TYR B 359 17.68 -7.53 5.12
N GLU B 360 18.77 -7.22 4.40
CA GLU B 360 19.29 -5.87 4.39
C GLU B 360 18.35 -4.89 3.70
N ASN B 361 17.48 -5.39 2.82
CA ASN B 361 16.62 -4.53 2.02
C ASN B 361 15.51 -3.92 2.86
N GLY B 362 15.75 -2.75 3.43
CA GLY B 362 14.67 -2.01 4.09
C GLY B 362 14.25 -2.65 5.40
N ILE B 363 12.93 -2.69 5.62
CA ILE B 363 12.36 -3.14 6.89
C ILE B 363 12.31 -4.65 7.03
N VAL B 364 12.84 -5.40 6.06
CA VAL B 364 12.73 -6.86 6.09
C VAL B 364 13.51 -7.44 7.26
N GLY B 365 12.90 -8.41 7.95
CA GLY B 365 13.53 -9.09 9.06
C GLY B 365 14.36 -10.30 8.62
N LYS B 366 15.20 -10.79 9.54
CA LYS B 366 16.09 -11.90 9.20
C LYS B 366 15.33 -13.21 8.99
N ASN B 367 14.14 -13.36 9.56
CA ASN B 367 13.35 -14.56 9.28
C ASN B 367 11.88 -14.19 9.39
N PHE B 368 11.02 -15.22 9.39
CA PHE B 368 9.58 -15.03 9.51
C PHE B 368 9.23 -14.29 10.79
N LYS B 369 9.77 -14.75 11.92
CA LYS B 369 9.46 -14.15 13.21
C LYS B 369 9.79 -12.66 13.22
N GLU B 370 11.00 -12.31 12.77
CA GLU B 370 11.40 -10.91 12.76
C GLU B 370 10.60 -10.09 11.76
N CYS B 371 10.23 -10.70 10.62
CA CYS B 371 9.36 -10.00 9.68
C CYS B 371 8.04 -9.61 10.31
N VAL B 372 7.39 -10.57 10.97
CA VAL B 372 6.12 -10.29 11.63
C VAL B 372 6.30 -9.25 12.73
N GLU B 373 7.42 -9.34 13.46
CA GLU B 373 7.67 -8.39 14.55
C GLU B 373 7.79 -6.97 14.02
N ASN B 374 8.55 -6.78 12.94
CA ASN B 374 8.69 -5.45 12.36
C ASN B 374 7.36 -4.93 11.81
N ILE B 375 6.60 -5.80 11.14
CA ILE B 375 5.32 -5.37 10.60
C ILE B 375 4.39 -4.91 11.72
N SER B 376 4.34 -5.70 12.80
CA SER B 376 3.52 -5.34 13.95
C SER B 376 3.98 -4.04 14.58
N GLU B 377 5.30 -3.85 14.69
CA GLU B 377 5.78 -2.62 15.31
C GLU B 377 5.44 -1.40 14.47
N ILE B 378 5.50 -1.54 13.15
CA ILE B 378 5.13 -0.41 12.30
C ILE B 378 3.63 -0.15 12.37
N SER B 379 2.83 -1.21 12.47
CA SER B 379 1.40 -1.02 12.67
C SER B 379 1.13 -0.28 13.98
N LYS B 380 1.84 -0.65 15.03
CA LYS B 380 1.71 0.03 16.32
C LYS B 380 2.14 1.49 16.21
N ILE B 381 3.14 1.78 15.38
CA ILE B 381 3.62 3.15 15.25
C ILE B 381 2.61 4.00 14.49
N MET B 382 1.98 3.42 13.45
CA MET B 382 1.02 4.17 12.64
C MET B 382 -0.16 4.65 13.46
N GLY B 383 -0.50 3.95 14.55
CA GLY B 383 -1.50 4.48 15.46
C GLY B 383 -2.90 4.47 14.86
N ASP B 384 -3.75 5.32 15.44
CA ASP B 384 -5.16 5.35 15.04
C ASP B 384 -5.35 6.02 13.69
N LEU B 385 -5.21 7.34 13.64
CA LEU B 385 -5.32 8.10 12.39
C LEU B 385 -6.71 8.03 11.77
N ASP B 386 -7.63 7.28 12.39
CA ASP B 386 -8.96 7.11 11.83
C ASP B 386 -9.75 8.41 11.87
N SER B 387 -9.47 9.28 12.83
CA SER B 387 -10.15 10.58 12.91
C SER B 387 -9.92 11.38 11.63
N ASP B 388 -8.67 11.49 11.21
CA ASP B 388 -8.37 12.21 9.97
C ASP B 388 -8.94 11.48 8.76
N ILE B 389 -9.03 10.16 8.82
CA ILE B 389 -9.63 9.40 7.72
C ILE B 389 -11.09 9.80 7.54
N VAL B 390 -11.85 9.84 8.64
CA VAL B 390 -13.25 10.24 8.53
C VAL B 390 -13.35 11.71 8.13
N LYS B 391 -12.42 12.55 8.60
CA LYS B 391 -12.40 13.95 8.18
C LYS B 391 -12.27 14.04 6.67
N ILE B 392 -11.47 13.16 6.08
CA ILE B 392 -11.35 13.14 4.63
C ILE B 392 -12.62 12.60 3.99
N MET B 393 -13.18 11.52 4.54
CA MET B 393 -14.34 10.87 3.93
C MET B 393 -15.58 11.75 3.96
N SER B 394 -15.67 12.66 4.93
CA SER B 394 -16.88 13.46 5.11
C SER B 394 -17.16 14.37 3.92
N LYS B 395 -16.15 14.68 3.12
CA LYS B 395 -16.32 15.56 1.96
C LYS B 395 -16.91 14.83 0.76
#